data_8PO6
#
_entry.id   8PO6
#
_cell.length_a   39.605
_cell.length_b   114.897
_cell.length_c   94.011
_cell.angle_alpha   90.000
_cell.angle_beta   100.857
_cell.angle_gamma   90.000
#
_symmetry.space_group_name_H-M   'P 1 21 1'
#
loop_
_entity.id
_entity.type
_entity.pdbx_description
1 polymer 'ATP-dependent RNA helicase HrpA'
2 non-polymer 'PHOSPHATE ION'
3 water water
#
_entity_poly.entity_id   1
_entity_poly.type   'polypeptide(L)'
_entity_poly.pdbx_seq_one_letter_code
;MTEQQKLTFTALQQRLDSLMLRDRLRFSRRLHGVKKVKNPDAQQAIFQEMAKEIDQAAGKVLLREAARPEITYPDNLPVS
QKKQDILEAIRDHQVVIVAGETGSGKTTQLPKICMELGRGIKGLIGHTQPRRLAARTVANRIAEELKTEPGGCIGYKVRF
SNHVSDNTMVKLMTDGILLAEIQQDRLLMQYDTIIIDEAHERSLNIDFLLGYLKELLPRRPDLKIIITSATIDPERFSRH
FNNAPIIEVSGRTYPVEVRYRPIVEEADDTERDQLQAIFDAVDELSQESPGDILIFMSGEREIRDTADALNKLNLRHTEI
LPLYARLSNSEQNRVFQSHSGRRIVLATNVAETSLTVPGIKYVIDPGTARISRYSYRTKVQRLPIEPISQASANQRKGRC
GRVSEGICIRLYSEDDFLSRPEFTDPEILRTNLASVILQMTALGLGDIAAFPFVEAPDKRNIQDGVRLLEELGAITTDEQ
ASAYKLTPLGRQLSQLPVDPRLARMVLEAQKHGCVREAMIITSALSIQDPRERPMDKQQASDEKHRRFHDKESDFLAFVN
LWNYLGEQQKALSSNAFRRLCRTDYLNYLRVREWQDIYTQLRQVVKELGIPVNSEPAEYREIHIALLTGLLSHIGMKDAD
KQEYTGARNARFSIFPGSGLFKKPPKWVMVAELVETSRLWGRIAARIDPEWVEPVAQHLIKRTYSEPHWERAQGAVMATE
KVTVYGLPIVAARKVNYSQIDPALCRELFIRHALVEGD
;
_entity_poly.pdbx_strand_id   A
#
# COMPACT_ATOMS: atom_id res chain seq x y z
N GLN A 5 8.90 55.96 -20.39
CA GLN A 5 8.69 54.55 -20.66
C GLN A 5 10.01 53.85 -21.00
N LYS A 6 10.17 53.44 -22.26
CA LYS A 6 11.38 52.79 -22.75
C LYS A 6 11.69 51.52 -21.94
N LEU A 7 10.78 50.55 -22.03
CA LEU A 7 10.88 49.32 -21.27
C LEU A 7 12.14 48.54 -21.63
N THR A 8 12.67 47.80 -20.65
CA THR A 8 13.88 47.02 -20.80
C THR A 8 13.59 45.56 -20.47
N PHE A 9 14.52 44.69 -20.89
CA PHE A 9 14.46 43.29 -20.47
C PHE A 9 14.74 43.16 -18.98
N THR A 10 15.72 43.93 -18.47
CA THR A 10 16.06 43.87 -17.06
C THR A 10 14.91 44.32 -16.18
N ALA A 11 14.27 45.45 -16.53
CA ALA A 11 13.17 45.96 -15.74
C ALA A 11 11.97 45.03 -15.77
N LEU A 12 11.70 44.41 -16.92
CA LEU A 12 10.58 43.48 -17.01
C LEU A 12 10.88 42.17 -16.28
N GLN A 13 12.17 41.79 -16.21
CA GLN A 13 12.52 40.60 -15.45
C GLN A 13 12.20 40.76 -13.97
N GLN A 14 12.38 41.98 -13.43
CA GLN A 14 12.05 42.25 -12.03
C GLN A 14 10.56 42.08 -11.77
N ARG A 15 9.71 42.43 -12.73
CA ARG A 15 8.27 42.37 -12.54
C ARG A 15 7.75 40.95 -12.38
N LEU A 16 8.56 39.94 -12.67
CA LEU A 16 8.09 38.56 -12.55
C LEU A 16 7.92 38.13 -11.10
N ASP A 17 8.52 38.86 -10.15
CA ASP A 17 8.37 38.51 -8.74
C ASP A 17 6.98 38.82 -8.22
N SER A 18 6.21 39.67 -8.90
CA SER A 18 4.85 40.00 -8.53
C SER A 18 3.82 39.08 -9.19
N LEU A 19 4.27 38.04 -9.87
CA LEU A 19 3.40 37.11 -10.57
C LEU A 19 3.21 35.82 -9.77
N MET A 20 2.20 35.04 -10.16
CA MET A 20 2.02 33.71 -9.59
C MET A 20 3.14 32.79 -10.03
N LEU A 21 3.55 31.89 -9.12
CA LEU A 21 4.69 31.03 -9.37
C LEU A 21 4.60 30.30 -10.71
N ARG A 22 3.45 29.69 -10.98
CA ARG A 22 3.29 28.91 -12.21
C ARG A 22 3.29 29.76 -13.48
N ASP A 23 3.25 31.10 -13.34
CA ASP A 23 3.35 32.00 -14.48
C ASP A 23 4.77 32.48 -14.76
N ARG A 24 5.65 32.47 -13.75
CA ARG A 24 6.94 33.13 -13.88
C ARG A 24 7.78 32.53 -15.00
N LEU A 25 7.83 31.19 -15.09
CA LEU A 25 8.70 30.57 -16.08
C LEU A 25 8.17 30.76 -17.50
N ARG A 26 6.85 30.91 -17.66
CA ARG A 26 6.27 31.11 -18.98
C ARG A 26 6.73 32.44 -19.58
N PHE A 27 6.76 33.50 -18.77
CA PHE A 27 7.21 34.80 -19.25
C PHE A 27 8.72 34.95 -19.23
N SER A 28 9.41 34.15 -18.41
CA SER A 28 10.87 34.16 -18.43
C SER A 28 11.40 33.61 -19.75
N ARG A 29 10.89 32.44 -20.15
CA ARG A 29 11.31 31.83 -21.41
C ARG A 29 11.01 32.73 -22.60
N ARG A 30 10.00 33.60 -22.49
CA ARG A 30 9.67 34.48 -23.60
C ARG A 30 10.55 35.72 -23.62
N LEU A 31 10.83 36.30 -22.44
CA LEU A 31 11.76 37.42 -22.39
C LEU A 31 13.14 37.00 -22.87
N HIS A 32 13.59 35.82 -22.48
CA HIS A 32 14.82 35.23 -23.04
C HIS A 32 14.50 34.72 -24.43
N GLY A 33 14.78 35.54 -25.45
CA GLY A 33 14.38 35.20 -26.79
C GLY A 33 13.96 36.42 -27.57
N VAL A 34 13.63 37.50 -26.85
CA VAL A 34 13.46 38.78 -27.51
C VAL A 34 14.80 39.30 -28.03
N LYS A 35 15.91 38.75 -27.53
CA LYS A 35 17.22 39.09 -28.07
C LYS A 35 17.41 38.55 -29.48
N LYS A 36 16.63 37.54 -29.88
CA LYS A 36 16.68 37.04 -31.25
C LYS A 36 16.11 38.03 -32.24
N VAL A 37 15.22 38.93 -31.81
CA VAL A 37 14.61 39.90 -32.70
C VAL A 37 15.66 40.91 -33.12
N LYS A 38 15.88 41.03 -34.42
CA LYS A 38 16.98 41.84 -34.93
C LYS A 38 16.67 43.33 -34.81
N ASN A 39 15.45 43.74 -35.12
CA ASN A 39 15.11 45.16 -35.16
C ASN A 39 14.95 45.69 -33.73
N PRO A 40 15.76 46.67 -33.31
CA PRO A 40 15.68 47.13 -31.92
C PRO A 40 14.35 47.76 -31.54
N ASP A 41 13.60 48.31 -32.50
CA ASP A 41 12.28 48.82 -32.16
C ASP A 41 11.20 47.76 -32.25
N ALA A 42 11.44 46.69 -33.03
CA ALA A 42 10.52 45.55 -32.99
C ALA A 42 10.63 44.82 -31.66
N GLN A 43 11.78 44.90 -30.99
CA GLN A 43 11.90 44.36 -29.65
C GLN A 43 11.00 45.13 -28.68
N GLN A 44 11.01 46.46 -28.75
CA GLN A 44 10.17 47.26 -27.88
C GLN A 44 8.70 46.98 -28.13
N ALA A 45 8.32 46.74 -29.38
CA ALA A 45 6.94 46.38 -29.68
C ALA A 45 6.55 45.07 -29.01
N ILE A 46 7.49 44.12 -28.91
CA ILE A 46 7.20 42.87 -28.21
C ILE A 46 7.20 43.10 -26.71
N PHE A 47 8.05 43.99 -26.22
CA PHE A 47 8.07 44.31 -24.80
C PHE A 47 6.77 44.95 -24.34
N GLN A 48 6.32 45.98 -25.06
CA GLN A 48 5.10 46.68 -24.66
C GLN A 48 3.90 45.73 -24.58
N GLU A 49 3.79 44.82 -25.55
CA GLU A 49 2.66 43.89 -25.54
C GLU A 49 2.83 42.80 -24.51
N MET A 50 4.07 42.41 -24.19
CA MET A 50 4.28 41.48 -23.09
C MET A 50 4.02 42.14 -21.74
N ALA A 51 4.34 43.43 -21.61
CA ALA A 51 4.04 44.14 -20.38
C ALA A 51 2.53 44.21 -20.12
N LYS A 52 1.72 44.15 -21.19
CA LYS A 52 0.27 44.10 -20.99
C LYS A 52 -0.16 42.74 -20.42
N GLU A 53 0.46 41.66 -20.89
CA GLU A 53 0.15 40.34 -20.33
C GLU A 53 0.61 40.23 -18.89
N ILE A 54 1.75 40.85 -18.55
CA ILE A 54 2.25 40.79 -17.18
C ILE A 54 1.41 41.67 -16.27
N ASP A 55 0.84 42.76 -16.80
CA ASP A 55 -0.15 43.53 -16.06
C ASP A 55 -1.34 42.66 -15.69
N GLN A 56 -1.83 41.87 -16.65
CA GLN A 56 -2.96 40.98 -16.38
C GLN A 56 -2.57 39.89 -15.38
N ALA A 57 -1.35 39.37 -15.47
CA ALA A 57 -0.91 38.34 -14.54
C ALA A 57 -0.68 38.91 -13.13
N ALA A 58 -0.15 40.13 -13.05
CA ALA A 58 0.09 40.73 -11.74
C ALA A 58 -1.22 41.14 -11.07
N GLY A 59 -2.21 41.58 -11.87
CA GLY A 59 -3.51 41.89 -11.32
C GLY A 59 -4.22 40.68 -10.74
N LYS A 60 -3.95 39.50 -11.28
CA LYS A 60 -4.46 38.26 -10.70
C LYS A 60 -4.05 38.14 -9.25
N VAL A 61 -2.78 38.39 -8.95
CA VAL A 61 -2.27 38.29 -7.58
C VAL A 61 -2.93 39.32 -6.67
N LEU A 62 -3.11 40.53 -7.18
CA LEU A 62 -3.73 41.59 -6.37
C LEU A 62 -5.18 41.25 -6.04
N LEU A 63 -5.85 40.49 -6.91
CA LEU A 63 -7.22 40.10 -6.65
C LEU A 63 -7.30 39.02 -5.58
N ARG A 64 -6.36 38.08 -5.59
CA ARG A 64 -6.33 37.04 -4.56
C ARG A 64 -6.02 37.62 -3.19
N GLU A 65 -5.10 38.60 -3.14
CA GLU A 65 -4.79 39.25 -1.87
C GLU A 65 -6.00 39.97 -1.31
N ALA A 66 -6.78 40.61 -2.19
CA ALA A 66 -7.97 41.31 -1.75
C ALA A 66 -9.06 40.36 -1.29
N ALA A 67 -9.10 39.14 -1.83
CA ALA A 67 -10.10 38.15 -1.47
C ALA A 67 -9.72 37.32 -0.25
N ARG A 68 -8.50 37.48 0.27
CA ARG A 68 -8.09 36.74 1.46
C ARG A 68 -8.91 37.21 2.67
N PRO A 69 -9.32 36.30 3.54
CA PRO A 69 -10.08 36.69 4.73
C PRO A 69 -9.20 37.03 5.93
N GLU A 70 -9.81 37.72 6.88
CA GLU A 70 -9.13 38.01 8.14
C GLU A 70 -8.92 36.71 8.92
N ILE A 71 -7.67 36.46 9.30
CA ILE A 71 -7.29 35.20 9.94
C ILE A 71 -7.53 35.30 11.44
N THR A 72 -8.38 34.41 11.96
CA THR A 72 -8.68 34.34 13.39
C THR A 72 -8.39 32.95 13.91
N TYR A 73 -7.84 32.88 15.12
CA TYR A 73 -7.52 31.62 15.77
C TYR A 73 -8.46 31.39 16.95
N PRO A 74 -9.10 30.22 17.03
CA PRO A 74 -10.01 29.95 18.15
C PRO A 74 -9.26 29.77 19.46
N ASP A 75 -9.89 30.22 20.54
CA ASP A 75 -9.33 30.01 21.86
C ASP A 75 -9.47 28.55 22.27
N ASN A 76 -8.83 28.20 23.38
CA ASN A 76 -8.77 26.88 24.00
C ASN A 76 -7.83 25.93 23.27
N LEU A 77 -7.16 26.39 22.20
CA LEU A 77 -6.21 25.54 21.50
C LEU A 77 -4.79 25.85 21.96
N PRO A 78 -4.02 24.85 22.39
CA PRO A 78 -2.66 25.13 22.90
C PRO A 78 -1.67 25.54 21.83
N VAL A 79 -1.97 25.33 20.55
CA VAL A 79 -1.03 25.68 19.49
C VAL A 79 -0.95 27.20 19.31
N SER A 80 -2.04 27.91 19.60
CA SER A 80 -2.04 29.37 19.46
C SER A 80 -1.10 30.05 20.44
N GLN A 81 -0.54 29.33 21.41
CA GLN A 81 0.49 29.89 22.27
C GLN A 81 1.84 29.89 21.58
N LYS A 82 2.24 28.74 21.04
CA LYS A 82 3.43 28.63 20.21
C LYS A 82 3.24 29.23 18.81
N LYS A 83 2.11 29.89 18.55
CA LYS A 83 1.89 30.54 17.26
C LYS A 83 3.01 31.50 16.91
N GLN A 84 3.61 32.14 17.92
CA GLN A 84 4.75 33.02 17.69
C GLN A 84 5.92 32.26 17.08
N ASP A 85 6.42 31.25 17.80
CA ASP A 85 7.58 30.49 17.30
C ASP A 85 7.26 29.82 15.97
N ILE A 86 6.07 29.25 15.84
CA ILE A 86 5.68 28.61 14.59
C ILE A 86 5.72 29.60 13.43
N LEU A 87 5.15 30.79 13.65
CA LEU A 87 5.04 31.77 12.57
C LEU A 87 6.41 32.14 12.00
N GLU A 88 7.32 32.58 12.86
CA GLU A 88 8.64 33.00 12.38
C GLU A 88 9.54 31.83 12.02
N ALA A 89 9.25 30.61 12.52
CA ALA A 89 9.99 29.44 12.06
C ALA A 89 9.74 29.17 10.59
N ILE A 90 8.47 29.22 10.17
CA ILE A 90 8.15 29.08 8.76
C ILE A 90 8.60 30.30 7.98
N ARG A 91 8.62 31.47 8.63
CA ARG A 91 9.04 32.69 7.96
C ARG A 91 10.54 32.68 7.65
N ASP A 92 11.35 32.06 8.50
CA ASP A 92 12.79 32.12 8.36
C ASP A 92 13.43 30.81 7.89
N HIS A 93 12.68 29.71 7.83
CA HIS A 93 13.24 28.42 7.45
C HIS A 93 12.43 27.81 6.31
N GLN A 94 13.13 27.11 5.42
CA GLN A 94 12.46 26.45 4.30
C GLN A 94 11.65 25.25 4.79
N VAL A 95 12.16 24.53 5.78
CA VAL A 95 11.51 23.34 6.31
C VAL A 95 11.28 23.53 7.80
N VAL A 96 10.08 23.17 8.26
CA VAL A 96 9.73 23.21 9.67
C VAL A 96 9.04 21.91 10.03
N ILE A 97 9.42 21.36 11.19
CA ILE A 97 8.79 20.16 11.73
C ILE A 97 7.98 20.57 12.96
N VAL A 98 6.70 20.20 12.99
CA VAL A 98 5.80 20.58 14.07
C VAL A 98 5.20 19.30 14.64
N ALA A 99 5.76 18.83 15.76
CA ALA A 99 5.29 17.62 16.43
C ALA A 99 4.37 18.00 17.58
N GLY A 100 3.23 17.32 17.68
CA GLY A 100 2.26 17.63 18.70
C GLY A 100 1.32 16.48 19.04
N GLU A 101 1.04 16.33 20.33
CA GLU A 101 0.12 15.30 20.79
C GLU A 101 -1.29 15.54 20.20
N THR A 102 -2.07 14.47 20.18
CA THR A 102 -3.41 14.51 19.61
C THR A 102 -4.24 15.62 20.24
N GLY A 103 -4.95 16.36 19.40
CA GLY A 103 -5.82 17.43 19.86
C GLY A 103 -5.07 18.62 20.42
N SER A 104 -4.31 19.30 19.56
CA SER A 104 -3.58 20.49 19.96
C SER A 104 -3.92 21.72 19.13
N GLY A 105 -4.75 21.59 18.09
CA GLY A 105 -4.98 22.66 17.15
C GLY A 105 -4.06 22.61 15.95
N LYS A 106 -3.01 21.81 16.03
CA LYS A 106 -1.97 21.70 15.00
C LYS A 106 -2.52 21.66 13.58
N THR A 107 -3.38 20.70 13.28
CA THR A 107 -3.77 20.44 11.90
C THR A 107 -4.58 21.60 11.31
N THR A 108 -5.53 22.15 12.06
CA THR A 108 -6.40 23.18 11.52
C THR A 108 -5.79 24.58 11.56
N GLN A 109 -4.83 24.82 12.45
CA GLN A 109 -4.27 26.16 12.59
C GLN A 109 -2.99 26.40 11.80
N LEU A 110 -2.26 25.33 11.43
CA LEU A 110 -1.06 25.52 10.62
C LEU A 110 -1.33 26.23 9.30
N PRO A 111 -2.29 25.80 8.45
CA PRO A 111 -2.54 26.56 7.21
C PRO A 111 -2.99 27.99 7.46
N LYS A 112 -3.62 28.28 8.60
CA LYS A 112 -3.94 29.68 8.92
C LYS A 112 -2.67 30.49 9.12
N ILE A 113 -1.70 29.95 9.86
CA ILE A 113 -0.43 30.64 10.08
C ILE A 113 0.26 30.91 8.76
N CYS A 114 0.18 29.96 7.81
CA CYS A 114 0.77 30.17 6.50
C CYS A 114 0.09 31.31 5.74
N MET A 115 -1.24 31.37 5.81
CA MET A 115 -1.96 32.48 5.20
C MET A 115 -1.64 33.81 5.88
N GLU A 116 -1.39 33.79 7.18
CA GLU A 116 -1.02 35.02 7.89
C GLU A 116 0.33 35.54 7.41
N LEU A 117 1.24 34.64 7.03
CA LEU A 117 2.54 35.06 6.51
C LEU A 117 2.44 35.74 5.14
N GLY A 118 1.34 35.55 4.44
CA GLY A 118 1.21 36.02 3.09
C GLY A 118 1.37 34.95 2.03
N ARG A 119 1.24 33.68 2.40
CA ARG A 119 1.32 32.58 1.46
C ARG A 119 -0.09 32.20 1.01
N GLY A 120 -0.17 31.24 0.10
CA GLY A 120 -1.44 30.85 -0.46
C GLY A 120 -1.95 31.74 -1.57
N ILE A 121 -1.19 32.77 -1.95
CA ILE A 121 -1.61 33.74 -2.96
C ILE A 121 -0.88 33.52 -4.28
N LYS A 122 0.45 33.56 -4.27
CA LYS A 122 1.22 33.28 -5.47
C LYS A 122 1.34 31.78 -5.74
N GLY A 123 0.86 30.95 -4.82
CA GLY A 123 0.78 29.52 -5.02
C GLY A 123 -0.02 28.92 -3.90
N LEU A 124 -0.56 27.73 -4.15
CA LEU A 124 -1.46 27.14 -3.18
C LEU A 124 -0.72 26.72 -1.93
N ILE A 125 -1.48 26.47 -0.87
CA ILE A 125 -0.97 25.86 0.36
C ILE A 125 -1.52 24.44 0.36
N GLY A 126 -0.67 23.48 0.03
CA GLY A 126 -1.08 22.09 -0.05
C GLY A 126 -0.97 21.43 1.31
N HIS A 127 -2.01 20.68 1.67
CA HIS A 127 -2.10 20.04 2.98
C HIS A 127 -2.56 18.61 2.76
N THR A 128 -1.69 17.64 3.07
CA THR A 128 -1.95 16.25 2.74
C THR A 128 -2.44 15.47 3.95
N GLN A 129 -3.36 14.54 3.71
CA GLN A 129 -3.83 13.62 4.72
C GLN A 129 -3.68 12.19 4.22
N PRO A 130 -3.53 11.21 5.12
CA PRO A 130 -3.40 9.83 4.66
C PRO A 130 -4.69 9.27 4.05
N ARG A 131 -5.85 9.68 4.55
CA ARG A 131 -7.13 9.16 4.08
C ARG A 131 -8.00 10.28 3.53
N ARG A 132 -8.85 9.92 2.57
CA ARG A 132 -9.64 10.92 1.87
C ARG A 132 -10.64 11.61 2.80
N LEU A 133 -11.18 10.86 3.77
CA LEU A 133 -12.16 11.45 4.67
C LEU A 133 -11.54 12.53 5.54
N ALA A 134 -10.33 12.28 6.05
CA ALA A 134 -9.66 13.27 6.89
C ALA A 134 -9.46 14.58 6.13
N ALA A 135 -9.13 14.49 4.84
CA ALA A 135 -8.96 15.70 4.04
C ALA A 135 -10.26 16.51 3.98
N ARG A 136 -11.36 15.84 3.62
CA ARG A 136 -12.64 16.54 3.47
C ARG A 136 -13.06 17.23 4.77
N THR A 137 -12.95 16.52 5.90
CA THR A 137 -13.43 17.07 7.17
C THR A 137 -12.53 18.21 7.66
N VAL A 138 -11.22 18.09 7.47
CA VAL A 138 -10.32 19.17 7.88
C VAL A 138 -10.64 20.45 7.10
N ALA A 139 -10.80 20.33 5.78
CA ALA A 139 -11.21 21.47 4.96
C ALA A 139 -12.45 22.15 5.52
N ASN A 140 -13.48 21.35 5.86
CA ASN A 140 -14.72 21.93 6.37
C ASN A 140 -14.49 22.62 7.72
N ARG A 141 -13.59 22.08 8.54
CA ARG A 141 -13.37 22.67 9.86
C ARG A 141 -12.68 24.03 9.76
N ILE A 142 -11.67 24.14 8.88
CA ILE A 142 -10.99 25.41 8.69
C ILE A 142 -11.95 26.43 8.08
N ALA A 143 -12.74 26.01 7.09
CA ALA A 143 -13.69 26.92 6.45
C ALA A 143 -14.72 27.42 7.44
N GLU A 144 -15.23 26.53 8.29
CA GLU A 144 -16.18 26.94 9.32
C GLU A 144 -15.56 27.97 10.26
N GLU A 145 -14.34 27.68 10.74
CA GLU A 145 -13.68 28.60 11.67
C GLU A 145 -13.36 29.93 11.02
N LEU A 146 -13.11 29.94 9.70
CA LEU A 146 -12.84 31.17 8.97
C LEU A 146 -14.10 31.81 8.39
N LYS A 147 -15.26 31.19 8.60
CA LYS A 147 -16.54 31.71 8.12
C LYS A 147 -16.61 31.76 6.59
N THR A 148 -15.88 30.86 5.93
CA THR A 148 -15.90 30.75 4.48
C THR A 148 -16.82 29.62 4.05
N GLU A 149 -17.10 29.57 2.75
CA GLU A 149 -18.05 28.63 2.19
C GLU A 149 -17.33 27.59 1.33
N PRO A 150 -17.96 26.42 1.09
CA PRO A 150 -17.38 25.44 0.17
C PRO A 150 -17.32 26.00 -1.24
N GLY A 151 -16.10 26.19 -1.73
CA GLY A 151 -15.86 26.95 -2.94
C GLY A 151 -15.08 28.21 -2.69
N GLY A 152 -14.87 28.57 -1.42
CA GLY A 152 -14.06 29.71 -1.06
C GLY A 152 -12.57 29.39 -1.12
N CYS A 153 -11.81 30.02 -0.23
CA CYS A 153 -10.37 29.87 -0.23
C CYS A 153 -9.91 28.51 0.32
N ILE A 154 -10.80 27.73 0.91
CA ILE A 154 -10.48 26.41 1.44
C ILE A 154 -11.19 25.36 0.59
N GLY A 155 -10.43 24.49 -0.05
CA GLY A 155 -10.98 23.39 -0.82
C GLY A 155 -10.28 22.08 -0.51
N TYR A 156 -10.75 21.03 -1.15
CA TYR A 156 -10.18 19.70 -0.96
C TYR A 156 -10.15 18.94 -2.28
N LYS A 157 -9.21 18.01 -2.39
CA LYS A 157 -9.04 17.26 -3.64
C LYS A 157 -8.86 15.78 -3.36
N VAL A 158 -9.76 15.00 -3.95
CA VAL A 158 -9.71 13.54 -4.06
C VAL A 158 -10.10 13.22 -5.50
N ARG A 159 -10.28 11.93 -5.81
CA ARG A 159 -11.01 11.58 -7.03
C ARG A 159 -10.30 12.15 -8.27
N PHE A 160 -9.14 11.59 -8.56
CA PHE A 160 -7.87 12.25 -8.85
C PHE A 160 -7.92 13.58 -9.61
N SER A 161 -8.80 13.81 -10.57
CA SER A 161 -8.96 15.18 -11.07
C SER A 161 -10.42 15.60 -11.13
N ASN A 162 -10.88 16.24 -10.05
CA ASN A 162 -12.08 17.07 -9.99
C ASN A 162 -11.73 18.43 -9.40
N HIS A 163 -10.65 19.01 -9.93
CA HIS A 163 -9.80 19.98 -9.22
C HIS A 163 -10.59 21.14 -8.62
N VAL A 164 -9.98 21.74 -7.59
CA VAL A 164 -10.63 22.74 -6.75
C VAL A 164 -10.90 24.03 -7.51
N SER A 165 -11.76 24.86 -6.93
CA SER A 165 -12.17 26.15 -7.48
C SER A 165 -10.99 27.12 -7.57
N ASP A 166 -11.20 28.19 -8.32
CA ASP A 166 -10.20 29.24 -8.49
C ASP A 166 -10.08 30.12 -7.24
N ASN A 167 -11.09 30.12 -6.37
CA ASN A 167 -11.01 30.88 -5.13
C ASN A 167 -10.07 30.26 -4.11
N THR A 168 -9.73 28.98 -4.29
CA THR A 168 -9.00 28.21 -3.27
C THR A 168 -7.63 28.82 -2.98
N MET A 169 -7.33 29.00 -1.70
CA MET A 169 -5.99 29.33 -1.23
C MET A 169 -5.32 28.17 -0.52
N VAL A 170 -6.07 27.37 0.23
CA VAL A 170 -5.55 26.24 1.00
C VAL A 170 -6.21 24.99 0.46
N LYS A 171 -5.42 24.13 -0.17
CA LYS A 171 -5.92 22.94 -0.84
C LYS A 171 -5.56 21.71 -0.02
N LEU A 172 -6.58 21.07 0.56
CA LEU A 172 -6.38 19.82 1.28
C LEU A 172 -6.57 18.63 0.35
N MET A 173 -5.80 17.58 0.60
CA MET A 173 -5.78 16.44 -0.33
C MET A 173 -5.22 15.23 0.39
N THR A 174 -5.28 14.09 -0.27
CA THR A 174 -4.59 12.92 0.20
C THR A 174 -3.16 12.91 -0.33
N ASP A 175 -2.30 12.16 0.35
CA ASP A 175 -0.89 12.10 -0.04
C ASP A 175 -0.71 11.36 -1.36
N GLY A 176 -1.63 10.44 -1.69
CA GLY A 176 -1.57 9.79 -2.99
C GLY A 176 -1.98 10.70 -4.12
N ILE A 177 -2.82 11.70 -3.84
CA ILE A 177 -3.17 12.69 -4.86
C ILE A 177 -1.97 13.53 -5.23
N LEU A 178 -1.27 14.06 -4.21
CA LEU A 178 -0.12 14.92 -4.47
C LEU A 178 0.95 14.17 -5.26
N LEU A 179 1.22 12.91 -4.90
CA LEU A 179 2.16 12.09 -5.66
C LEU A 179 1.72 11.95 -7.11
N ALA A 180 0.42 11.83 -7.35
CA ALA A 180 -0.08 11.74 -8.71
C ALA A 180 0.13 13.03 -9.48
N GLU A 181 0.05 14.18 -8.80
CA GLU A 181 0.26 15.47 -9.44
C GLU A 181 1.71 15.71 -9.84
N ILE A 182 2.64 14.87 -9.37
CA ILE A 182 4.04 15.04 -9.72
C ILE A 182 4.26 14.82 -11.21
N GLN A 183 3.51 13.91 -11.82
CA GLN A 183 3.75 13.53 -13.20
C GLN A 183 3.61 14.72 -14.14
N GLN A 184 2.67 15.62 -13.87
CA GLN A 184 2.42 16.77 -14.73
C GLN A 184 2.81 18.10 -14.10
N ASP A 185 3.28 18.10 -12.86
CA ASP A 185 3.74 19.30 -12.16
C ASP A 185 5.06 19.01 -11.45
N ARG A 186 6.02 18.46 -12.21
CA ARG A 186 7.26 17.91 -11.70
C ARG A 186 7.92 18.77 -10.62
N LEU A 187 7.82 20.09 -10.74
CA LEU A 187 8.36 21.00 -9.76
C LEU A 187 7.32 21.45 -8.71
N LEU A 188 6.07 21.00 -8.83
CA LEU A 188 5.00 21.38 -7.91
C LEU A 188 4.81 22.89 -7.85
N MET A 189 4.88 23.54 -9.01
CA MET A 189 4.76 24.98 -9.09
C MET A 189 3.39 25.49 -8.67
N GLN A 190 2.37 24.63 -8.70
CA GLN A 190 1.06 25.03 -8.21
C GLN A 190 1.08 25.48 -6.77
N TYR A 191 2.09 25.07 -6.00
CA TYR A 191 2.10 25.25 -4.55
C TYR A 191 3.15 26.25 -4.10
N ASP A 192 2.75 27.10 -3.14
CA ASP A 192 3.65 27.95 -2.37
C ASP A 192 4.19 27.24 -1.15
N THR A 193 3.38 26.34 -0.58
CA THR A 193 3.65 25.66 0.67
C THR A 193 3.08 24.26 0.60
N ILE A 194 3.71 23.33 1.30
CA ILE A 194 3.25 21.95 1.34
C ILE A 194 3.34 21.45 2.77
N ILE A 195 2.21 20.96 3.29
CA ILE A 195 2.11 20.46 4.65
C ILE A 195 1.81 18.97 4.59
N ILE A 196 2.74 18.16 5.08
CA ILE A 196 2.56 16.72 5.16
C ILE A 196 2.10 16.40 6.57
N ASP A 197 0.85 15.97 6.70
CA ASP A 197 0.23 15.71 7.99
C ASP A 197 0.29 14.22 8.31
N GLU A 198 0.20 13.92 9.61
CA GLU A 198 0.22 12.55 10.12
C GLU A 198 1.43 11.77 9.60
N ALA A 199 2.56 12.48 9.49
CA ALA A 199 3.76 11.89 8.92
C ALA A 199 4.24 10.68 9.71
N HIS A 200 4.03 10.68 11.04
CA HIS A 200 4.50 9.60 11.89
C HIS A 200 3.97 8.24 11.46
N GLU A 201 2.84 8.18 10.77
CA GLU A 201 2.33 6.90 10.27
C GLU A 201 3.32 6.25 9.31
N ARG A 202 4.15 7.06 8.64
CA ARG A 202 5.30 6.61 7.85
C ARG A 202 4.93 5.47 6.90
N SER A 203 3.98 5.75 6.01
CA SER A 203 3.64 4.81 4.95
C SER A 203 4.54 5.04 3.74
N LEU A 204 4.33 4.26 2.69
CA LEU A 204 5.09 4.47 1.47
C LEU A 204 4.82 5.85 0.87
N ASN A 205 3.54 6.26 0.86
CA ASN A 205 3.20 7.59 0.35
C ASN A 205 3.92 8.68 1.12
N ILE A 206 3.98 8.55 2.45
CA ILE A 206 4.66 9.56 3.27
C ILE A 206 6.14 9.63 2.92
N ASP A 207 6.81 8.47 2.93
CA ASP A 207 8.26 8.45 2.68
C ASP A 207 8.58 8.81 1.23
N PHE A 208 7.71 8.48 0.28
CA PHE A 208 7.90 8.93 -1.09
C PHE A 208 7.82 10.46 -1.18
N LEU A 209 6.90 11.06 -0.43
CA LEU A 209 6.74 12.51 -0.50
C LEU A 209 7.88 13.24 0.20
N LEU A 210 8.36 12.70 1.33
CA LEU A 210 9.49 13.32 2.01
C LEU A 210 10.76 13.19 1.19
N GLY A 211 10.87 12.12 0.40
CA GLY A 211 12.03 11.97 -0.47
C GLY A 211 11.99 12.92 -1.65
N TYR A 212 10.82 13.07 -2.28
CA TYR A 212 10.71 13.94 -3.44
C TYR A 212 10.87 15.40 -3.05
N LEU A 213 10.36 15.79 -1.89
CA LEU A 213 10.53 17.17 -1.45
C LEU A 213 11.98 17.45 -1.04
N LYS A 214 12.73 16.43 -0.64
CA LYS A 214 14.16 16.61 -0.42
C LYS A 214 14.88 16.93 -1.73
N GLU A 215 14.47 16.27 -2.82
CA GLU A 215 15.07 16.53 -4.12
C GLU A 215 14.60 17.84 -4.72
N LEU A 216 13.46 18.35 -4.27
CA LEU A 216 12.87 19.54 -4.85
C LEU A 216 13.40 20.83 -4.25
N LEU A 217 13.93 20.78 -3.04
CA LEU A 217 14.39 22.02 -2.38
C LEU A 217 15.41 22.80 -3.19
N PRO A 218 16.49 22.21 -3.69
CA PRO A 218 17.45 23.01 -4.47
C PRO A 218 16.86 23.63 -5.73
N ARG A 219 15.74 23.09 -6.23
CA ARG A 219 15.09 23.64 -7.41
C ARG A 219 13.93 24.57 -7.09
N ARG A 220 13.43 24.55 -5.85
CA ARG A 220 12.30 25.36 -5.44
C ARG A 220 12.66 26.14 -4.16
N PRO A 221 13.51 27.16 -4.28
CA PRO A 221 13.82 27.98 -3.10
C PRO A 221 12.64 28.80 -2.62
N ASP A 222 11.67 29.06 -3.49
CA ASP A 222 10.44 29.79 -3.15
C ASP A 222 9.41 28.93 -2.44
N LEU A 223 9.75 27.69 -2.10
CA LEU A 223 8.81 26.75 -1.52
C LEU A 223 9.09 26.57 -0.03
N LYS A 224 8.03 26.42 0.76
CA LYS A 224 8.14 26.16 2.18
C LYS A 224 7.48 24.82 2.50
N ILE A 225 8.12 24.04 3.36
CA ILE A 225 7.63 22.72 3.74
C ILE A 225 7.40 22.69 5.24
N ILE A 226 6.25 22.14 5.65
CA ILE A 226 5.94 21.91 7.06
C ILE A 226 5.60 20.44 7.22
N ILE A 227 6.35 19.73 8.06
CA ILE A 227 6.04 18.35 8.42
C ILE A 227 5.43 18.36 9.82
N THR A 228 4.23 17.78 9.94
CA THR A 228 3.52 17.73 11.20
C THR A 228 3.15 16.28 11.51
N SER A 229 3.35 15.88 12.76
CA SER A 229 3.14 14.50 13.15
C SER A 229 2.84 14.44 14.64
N ALA A 230 2.73 13.23 15.17
CA ALA A 230 2.66 13.02 16.60
C ALA A 230 4.06 13.10 17.19
N THR A 231 4.16 12.99 18.51
CA THR A 231 5.44 13.06 19.21
C THR A 231 6.36 11.88 18.88
N ILE A 232 5.93 10.97 18.01
CA ILE A 232 6.69 9.77 17.67
C ILE A 232 7.89 10.14 16.80
N ASP A 233 9.09 10.14 17.39
CA ASP A 233 10.37 10.33 16.72
C ASP A 233 10.39 11.55 15.82
N PRO A 234 10.36 12.77 16.38
CA PRO A 234 10.45 13.97 15.53
C PRO A 234 11.84 14.24 15.00
N GLU A 235 12.89 13.73 15.64
CA GLU A 235 14.25 13.93 15.14
C GLU A 235 14.43 13.35 13.75
N ARG A 236 13.78 12.22 13.47
CA ARG A 236 13.95 11.53 12.20
C ARG A 236 13.65 12.47 11.03
N PHE A 237 12.50 13.15 11.09
CA PHE A 237 12.13 14.09 10.02
C PHE A 237 13.08 15.28 9.97
N SER A 238 13.49 15.79 11.14
CA SER A 238 14.41 16.91 11.17
C SER A 238 15.75 16.54 10.56
N ARG A 239 16.33 15.41 10.98
CA ARG A 239 17.60 14.94 10.43
C ARG A 239 17.56 14.85 8.91
N HIS A 240 16.38 14.56 8.35
CA HIS A 240 16.29 14.33 6.90
C HIS A 240 16.44 15.63 6.11
N PHE A 241 15.80 16.71 6.57
CA PHE A 241 15.88 17.99 5.84
C PHE A 241 16.99 18.88 6.38
N ASN A 242 18.22 18.34 6.42
CA ASN A 242 19.40 19.08 6.85
C ASN A 242 19.17 19.80 8.17
N ASN A 243 18.57 19.07 9.12
CA ASN A 243 18.38 19.53 10.48
C ASN A 243 17.54 20.81 10.54
N ALA A 244 16.30 20.69 10.08
CA ALA A 244 15.32 21.76 10.15
C ALA A 244 14.74 21.85 11.57
N PRO A 245 14.38 23.06 12.01
CA PRO A 245 13.92 23.24 13.40
C PRO A 245 12.69 22.41 13.73
N ILE A 246 12.54 22.12 15.03
CA ILE A 246 11.41 21.38 15.56
C ILE A 246 10.70 22.24 16.60
N ILE A 247 9.37 22.24 16.57
CA ILE A 247 8.56 22.98 17.54
C ILE A 247 7.58 22.01 18.17
N GLU A 248 7.81 21.66 19.43
CA GLU A 248 6.92 20.77 20.16
C GLU A 248 5.70 21.54 20.66
N VAL A 249 4.53 20.90 20.57
CA VAL A 249 3.28 21.47 21.07
C VAL A 249 2.64 20.47 22.03
N SER A 250 1.98 20.99 23.07
CA SER A 250 1.31 20.15 24.06
C SER A 250 -0.15 19.93 23.67
N GLY A 251 -0.69 18.80 24.10
CA GLY A 251 -2.10 18.50 23.96
C GLY A 251 -2.87 18.76 25.23
N ARG A 252 -4.15 19.15 25.08
CA ARG A 252 -5.01 19.47 26.23
C ARG A 252 -5.58 18.23 26.91
N THR A 253 -5.28 17.03 26.41
CA THR A 253 -5.98 15.79 26.77
C THR A 253 -6.24 15.66 28.26
N TYR A 254 -7.45 15.23 28.59
CA TYR A 254 -7.76 14.79 29.94
C TYR A 254 -7.00 13.50 30.26
N PRO A 255 -6.72 13.24 31.54
CA PRO A 255 -6.01 12.00 31.88
C PRO A 255 -6.88 10.77 31.65
N VAL A 256 -6.29 9.73 31.09
CA VAL A 256 -6.99 8.51 30.72
C VAL A 256 -6.51 7.39 31.63
N GLU A 257 -7.46 6.75 32.32
CA GLU A 257 -7.17 5.59 33.16
C GLU A 257 -7.14 4.33 32.31
N VAL A 258 -6.11 3.51 32.50
CA VAL A 258 -5.91 2.30 31.71
C VAL A 258 -6.12 1.09 32.61
N ARG A 259 -6.98 0.17 32.18
CA ARG A 259 -7.26 -1.06 32.90
C ARG A 259 -6.86 -2.25 32.03
N TYR A 260 -6.03 -3.14 32.59
CA TYR A 260 -5.54 -4.31 31.88
C TYR A 260 -6.41 -5.52 32.20
N ARG A 261 -7.06 -6.07 31.19
CA ARG A 261 -7.95 -7.23 31.35
C ARG A 261 -7.55 -8.32 30.37
N PRO A 262 -6.60 -9.18 30.73
CA PRO A 262 -6.15 -10.23 29.81
C PRO A 262 -7.25 -11.26 29.54
N ILE A 263 -7.00 -12.06 28.51
CA ILE A 263 -7.93 -13.10 28.09
C ILE A 263 -7.64 -14.37 28.87
N VAL A 264 -8.70 -14.98 29.43
CA VAL A 264 -8.60 -16.22 30.19
C VAL A 264 -9.29 -17.32 29.41
N GLU A 265 -8.55 -18.39 29.12
CA GLU A 265 -9.08 -19.51 28.32
C GLU A 265 -10.02 -20.34 29.19
N GLU A 266 -11.32 -20.08 29.06
CA GLU A 266 -12.34 -20.81 29.80
C GLU A 266 -13.32 -21.56 28.90
N ALA A 267 -13.76 -20.94 27.81
CA ALA A 267 -14.75 -21.53 26.92
C ALA A 267 -14.15 -22.54 25.95
N ASP A 268 -12.84 -22.78 26.03
CA ASP A 268 -12.11 -23.65 25.10
C ASP A 268 -12.20 -23.15 23.66
N ASP A 269 -12.59 -21.89 23.47
CA ASP A 269 -12.78 -21.29 22.15
C ASP A 269 -12.11 -19.92 22.15
N THR A 270 -11.07 -19.77 21.32
CA THR A 270 -10.33 -18.52 21.28
C THR A 270 -11.24 -17.35 20.94
N GLU A 271 -12.21 -17.55 20.05
CA GLU A 271 -13.12 -16.47 19.67
C GLU A 271 -14.16 -16.21 20.75
N ARG A 272 -14.76 -17.26 21.31
CA ARG A 272 -15.75 -17.06 22.37
C ARG A 272 -15.13 -16.35 23.57
N ASP A 273 -13.89 -16.68 23.91
CA ASP A 273 -13.20 -15.94 24.96
C ASP A 273 -12.92 -14.51 24.56
N GLN A 274 -12.70 -14.27 23.26
CA GLN A 274 -12.48 -12.91 22.78
C GLN A 274 -13.74 -12.07 22.93
N LEU A 275 -14.88 -12.58 22.46
CA LEU A 275 -16.12 -11.81 22.53
C LEU A 275 -16.65 -11.74 23.95
N GLN A 276 -16.42 -12.77 24.77
CA GLN A 276 -16.78 -12.68 26.17
C GLN A 276 -15.91 -11.66 26.90
N ALA A 277 -14.73 -11.35 26.36
CA ALA A 277 -13.92 -10.26 26.89
C ALA A 277 -14.45 -8.92 26.42
N ILE A 278 -14.90 -8.84 25.16
CA ILE A 278 -15.59 -7.64 24.68
C ILE A 278 -16.86 -7.42 25.49
N PHE A 279 -17.59 -8.49 25.77
CA PHE A 279 -18.82 -8.35 26.55
C PHE A 279 -18.52 -7.89 27.97
N ASP A 280 -17.54 -8.52 28.62
CA ASP A 280 -17.22 -8.16 30.00
C ASP A 280 -16.62 -6.77 30.12
N ALA A 281 -16.03 -6.25 29.04
CA ALA A 281 -15.47 -4.90 29.07
C ALA A 281 -16.57 -3.85 28.98
N VAL A 282 -17.47 -3.96 27.99
CA VAL A 282 -18.60 -3.06 27.94
C VAL A 282 -19.44 -3.19 29.20
N ASP A 283 -19.51 -4.40 29.77
CA ASP A 283 -20.22 -4.60 31.03
C ASP A 283 -19.50 -3.91 32.18
N GLU A 284 -18.17 -3.92 32.17
CA GLU A 284 -17.42 -3.21 33.20
C GLU A 284 -17.60 -1.70 33.06
N LEU A 285 -17.45 -1.18 31.84
CA LEU A 285 -17.62 0.25 31.60
C LEU A 285 -19.06 0.70 31.84
N SER A 286 -20.04 -0.21 31.68
CA SER A 286 -21.44 0.15 31.89
C SER A 286 -21.72 0.54 33.33
N GLN A 287 -20.92 0.05 34.28
CA GLN A 287 -21.11 0.39 35.67
C GLN A 287 -20.57 1.78 36.01
N GLU A 288 -19.61 2.28 35.23
CA GLU A 288 -19.05 3.60 35.49
C GLU A 288 -20.01 4.69 35.02
N SER A 289 -20.34 4.69 33.73
CA SER A 289 -21.22 5.68 33.12
C SER A 289 -21.66 5.15 31.76
N PRO A 290 -22.78 5.65 31.21
CA PRO A 290 -23.22 5.27 29.86
C PRO A 290 -22.52 6.09 28.77
N GLY A 291 -21.20 6.23 28.89
CA GLY A 291 -20.45 6.96 27.88
C GLY A 291 -20.19 6.12 26.64
N ASP A 292 -20.10 6.81 25.51
CA ASP A 292 -19.88 6.13 24.23
C ASP A 292 -18.55 5.40 24.23
N ILE A 293 -18.57 4.16 23.73
CA ILE A 293 -17.41 3.28 23.71
C ILE A 293 -16.96 3.09 22.27
N LEU A 294 -15.65 3.12 22.06
CA LEU A 294 -15.02 2.85 20.77
C LEU A 294 -14.23 1.55 20.89
N ILE A 295 -14.57 0.57 20.05
CA ILE A 295 -13.95 -0.75 20.07
C ILE A 295 -13.15 -0.94 18.80
N PHE A 296 -11.83 -1.12 18.94
CA PHE A 296 -10.96 -1.41 17.81
C PHE A 296 -11.06 -2.88 17.43
N MET A 297 -11.24 -3.16 16.13
CA MET A 297 -11.37 -4.52 15.64
C MET A 297 -10.31 -4.79 14.58
N SER A 298 -10.07 -6.08 14.33
CA SER A 298 -9.02 -6.50 13.41
C SER A 298 -9.41 -6.27 11.96
N GLY A 299 -10.61 -6.72 11.57
CA GLY A 299 -11.06 -6.58 10.20
C GLY A 299 -12.54 -6.27 10.14
N GLU A 300 -13.01 -5.93 8.94
CA GLU A 300 -14.39 -5.53 8.77
C GLU A 300 -15.37 -6.68 8.91
N ARG A 301 -14.92 -7.92 8.70
CA ARG A 301 -15.79 -9.07 8.95
C ARG A 301 -15.96 -9.34 10.44
N GLU A 302 -14.92 -9.09 11.25
CA GLU A 302 -15.07 -9.22 12.69
C GLU A 302 -16.02 -8.15 13.23
N ILE A 303 -15.96 -6.94 12.68
CA ILE A 303 -16.91 -5.89 13.05
C ILE A 303 -18.34 -6.37 12.85
N ARG A 304 -18.62 -6.96 11.68
CA ARG A 304 -19.96 -7.48 11.41
C ARG A 304 -20.37 -8.52 12.46
N ASP A 305 -19.49 -9.48 12.73
CA ASP A 305 -19.83 -10.53 13.69
C ASP A 305 -20.02 -9.98 15.09
N THR A 306 -19.19 -9.00 15.48
CA THR A 306 -19.27 -8.46 16.83
C THR A 306 -20.50 -7.57 17.01
N ALA A 307 -20.76 -6.69 16.04
CA ALA A 307 -21.99 -5.90 16.08
C ALA A 307 -23.22 -6.81 16.08
N ASP A 308 -23.12 -7.97 15.44
CA ASP A 308 -24.21 -8.95 15.46
C ASP A 308 -24.47 -9.44 16.88
N ALA A 309 -23.42 -9.89 17.57
CA ALA A 309 -23.58 -10.40 18.93
C ALA A 309 -24.03 -9.31 19.90
N LEU A 310 -23.46 -8.11 19.77
CA LEU A 310 -23.82 -7.01 20.67
C LEU A 310 -25.29 -6.65 20.54
N ASN A 311 -25.83 -6.66 19.32
CA ASN A 311 -27.23 -6.31 19.13
C ASN A 311 -28.14 -7.39 19.70
N LYS A 312 -27.78 -8.67 19.51
CA LYS A 312 -28.57 -9.77 20.07
C LYS A 312 -28.47 -9.85 21.58
N LEU A 313 -27.66 -9.00 22.22
CA LEU A 313 -27.69 -8.85 23.67
C LEU A 313 -28.75 -7.86 24.13
N ASN A 314 -29.15 -6.93 23.25
CA ASN A 314 -30.19 -5.94 23.53
C ASN A 314 -29.87 -5.16 24.80
N LEU A 315 -28.72 -4.50 24.78
CA LEU A 315 -28.34 -3.60 25.87
C LEU A 315 -29.23 -2.35 25.82
N ARG A 316 -29.73 -1.94 26.98
CA ARG A 316 -30.74 -0.88 27.03
C ARG A 316 -30.14 0.47 26.65
N HIS A 317 -30.80 1.14 25.71
CA HIS A 317 -30.45 2.51 25.30
C HIS A 317 -29.03 2.58 24.73
N THR A 318 -28.63 1.56 23.98
CA THR A 318 -27.34 1.51 23.32
C THR A 318 -27.54 1.31 21.82
N GLU A 319 -26.80 2.07 21.03
CA GLU A 319 -26.89 2.05 19.57
C GLU A 319 -25.55 1.57 19.01
N ILE A 320 -25.50 0.29 18.65
CA ILE A 320 -24.26 -0.36 18.21
C ILE A 320 -24.12 -0.10 16.71
N LEU A 321 -23.25 0.84 16.34
CA LEU A 321 -23.08 1.16 14.92
C LEU A 321 -21.70 0.75 14.46
N PRO A 322 -21.61 -0.01 13.36
CA PRO A 322 -20.31 -0.41 12.82
C PRO A 322 -19.76 0.62 11.83
N LEU A 323 -18.45 0.52 11.61
CA LEU A 323 -17.74 1.38 10.66
C LEU A 323 -16.93 0.53 9.71
N TYR A 324 -17.32 0.52 8.43
CA TYR A 324 -16.57 -0.15 7.38
C TYR A 324 -16.01 0.88 6.41
N ALA A 325 -15.01 0.46 5.63
CA ALA A 325 -14.45 1.29 4.58
C ALA A 325 -15.43 1.54 3.44
N ARG A 326 -16.54 0.79 3.38
CA ARG A 326 -17.59 1.00 2.38
C ARG A 326 -18.56 2.10 2.76
N LEU A 327 -18.19 2.94 3.73
CA LEU A 327 -19.08 3.99 4.20
C LEU A 327 -19.22 5.08 3.14
N SER A 328 -20.47 5.40 2.80
CA SER A 328 -20.76 6.39 1.77
C SER A 328 -21.02 7.75 2.43
N ASN A 329 -21.41 8.73 1.62
CA ASN A 329 -21.85 10.02 2.14
C ASN A 329 -22.88 9.84 3.24
N SER A 330 -23.96 9.13 2.95
CA SER A 330 -25.07 8.94 3.89
C SER A 330 -24.66 8.15 5.13
N GLU A 331 -23.49 7.50 5.13
CA GLU A 331 -23.06 6.69 6.25
C GLU A 331 -21.88 7.27 7.01
N GLN A 332 -21.05 8.09 6.36
CA GLN A 332 -19.88 8.66 7.03
C GLN A 332 -20.24 9.78 7.99
N ASN A 333 -21.32 10.52 7.71
CA ASN A 333 -21.67 11.67 8.54
C ASN A 333 -22.35 11.26 9.85
N ARG A 334 -22.77 10.00 9.99
CA ARG A 334 -23.53 9.59 11.17
C ARG A 334 -22.68 9.63 12.43
N VAL A 335 -21.39 9.31 12.33
CA VAL A 335 -20.53 9.30 13.51
C VAL A 335 -20.20 10.71 13.99
N PHE A 336 -20.40 11.73 13.16
CA PHE A 336 -20.16 13.12 13.54
C PHE A 336 -21.46 13.86 13.81
N GLN A 337 -22.44 13.17 14.38
CA GLN A 337 -23.77 13.71 14.62
C GLN A 337 -24.15 13.47 16.08
N SER A 338 -25.21 14.15 16.50
CA SER A 338 -25.71 14.03 17.88
C SER A 338 -26.56 12.76 18.04
N HIS A 339 -26.55 12.23 19.25
CA HIS A 339 -27.30 11.02 19.57
C HIS A 339 -27.95 11.16 20.94
N SER A 340 -29.16 10.62 21.08
CA SER A 340 -29.93 10.72 22.31
C SER A 340 -29.49 9.73 23.38
N GLY A 341 -28.71 8.71 23.01
CA GLY A 341 -28.31 7.70 23.97
C GLY A 341 -26.84 7.30 23.87
N ARG A 342 -26.55 6.02 24.09
CA ARG A 342 -25.19 5.52 24.10
C ARG A 342 -24.80 4.96 22.74
N ARG A 343 -23.62 5.33 22.26
CA ARG A 343 -23.07 4.82 21.01
C ARG A 343 -21.94 3.84 21.30
N ILE A 344 -21.98 2.68 20.65
CA ILE A 344 -20.88 1.73 20.67
C ILE A 344 -20.35 1.64 19.25
N VAL A 345 -19.23 2.29 18.99
CA VAL A 345 -18.67 2.42 17.64
C VAL A 345 -17.57 1.38 17.48
N LEU A 346 -17.83 0.35 16.69
CA LEU A 346 -16.82 -0.65 16.35
C LEU A 346 -16.11 -0.21 15.07
N ALA A 347 -14.81 0.03 15.16
CA ALA A 347 -14.03 0.48 14.02
C ALA A 347 -12.77 -0.37 13.91
N THR A 348 -12.11 -0.26 12.76
CA THR A 348 -10.82 -0.88 12.51
C THR A 348 -9.72 0.08 12.96
N ASN A 349 -8.47 -0.23 12.62
CA ASN A 349 -7.37 0.68 12.90
C ASN A 349 -7.53 2.03 12.19
N VAL A 350 -8.49 2.15 11.25
CA VAL A 350 -8.79 3.43 10.62
C VAL A 350 -9.26 4.47 11.63
N ALA A 351 -9.66 4.04 12.83
CA ALA A 351 -10.00 4.95 13.92
C ALA A 351 -8.78 5.51 14.61
N GLU A 352 -7.61 5.35 14.01
CA GLU A 352 -6.35 5.87 14.52
C GLU A 352 -5.63 6.76 13.54
N THR A 353 -5.89 6.63 12.23
CA THR A 353 -5.28 7.47 11.21
C THR A 353 -6.14 8.68 10.87
N SER A 354 -7.37 8.44 10.43
CA SER A 354 -8.26 9.49 9.97
C SER A 354 -9.48 9.67 10.86
N LEU A 355 -10.16 8.59 11.23
CA LEU A 355 -11.35 8.69 12.06
C LEU A 355 -10.99 9.20 13.45
N THR A 356 -11.54 10.35 13.81
CA THR A 356 -11.29 11.03 15.07
C THR A 356 -12.61 11.31 15.78
N VAL A 357 -13.45 10.28 15.83
CA VAL A 357 -14.84 10.31 16.28
C VAL A 357 -15.03 11.18 17.53
N PRO A 358 -16.05 12.04 17.56
CA PRO A 358 -16.28 12.88 18.73
C PRO A 358 -17.15 12.20 19.77
N GLY A 359 -17.03 12.70 21.00
CA GLY A 359 -17.82 12.19 22.11
C GLY A 359 -17.44 10.80 22.58
N ILE A 360 -16.20 10.37 22.36
CA ILE A 360 -15.74 9.06 22.78
C ILE A 360 -15.23 9.17 24.22
N LYS A 361 -15.87 8.43 25.13
CA LYS A 361 -15.51 8.42 26.54
C LYS A 361 -14.62 7.24 26.92
N TYR A 362 -14.87 6.07 26.33
CA TYR A 362 -14.15 4.85 26.68
C TYR A 362 -13.57 4.22 25.43
N VAL A 363 -12.61 3.32 25.63
CA VAL A 363 -11.98 2.58 24.54
C VAL A 363 -11.75 1.14 25.01
N ILE A 364 -12.03 0.19 24.13
CA ILE A 364 -11.71 -1.22 24.35
C ILE A 364 -10.70 -1.63 23.28
N ASP A 365 -9.48 -1.96 23.72
CA ASP A 365 -8.35 -2.22 22.84
C ASP A 365 -7.94 -3.69 22.90
N PRO A 366 -8.36 -4.52 21.96
CA PRO A 366 -7.83 -5.90 21.92
C PRO A 366 -6.35 -5.96 21.61
N GLY A 367 -5.77 -4.92 21.02
CA GLY A 367 -4.33 -4.85 20.86
C GLY A 367 -3.78 -5.56 19.64
N THR A 368 -4.62 -5.88 18.66
CA THR A 368 -4.18 -6.58 17.46
C THR A 368 -4.62 -5.81 16.23
N ALA A 369 -3.74 -5.72 15.24
CA ALA A 369 -4.05 -5.07 13.98
C ALA A 369 -3.43 -5.85 12.83
N ARG A 370 -4.09 -5.77 11.67
CA ARG A 370 -3.55 -6.35 10.45
C ARG A 370 -2.50 -5.40 9.88
N ILE A 371 -1.27 -5.90 9.72
CA ILE A 371 -0.14 -5.08 9.30
C ILE A 371 0.55 -5.75 8.12
N SER A 372 0.95 -4.94 7.13
CA SER A 372 1.62 -5.45 5.93
C SER A 372 3.10 -5.66 6.24
N ARG A 373 3.53 -6.92 6.26
CA ARG A 373 4.91 -7.23 6.58
C ARG A 373 5.45 -8.28 5.60
N TYR A 374 6.66 -8.03 5.11
CA TYR A 374 7.32 -8.96 4.21
C TYR A 374 8.00 -10.05 5.03
N SER A 375 7.77 -11.30 4.64
CA SER A 375 8.40 -12.44 5.31
C SER A 375 9.83 -12.62 4.81
N TYR A 376 10.74 -12.89 5.74
CA TYR A 376 12.13 -13.16 5.37
C TYR A 376 12.38 -14.65 5.17
N ARG A 377 11.83 -15.51 6.04
CA ARG A 377 12.05 -16.95 5.94
C ARG A 377 11.63 -17.45 4.56
N THR A 378 10.37 -17.25 4.22
CA THR A 378 9.92 -17.35 2.85
C THR A 378 9.96 -15.96 2.23
N LYS A 379 9.52 -15.85 0.99
CA LYS A 379 9.15 -14.56 0.42
C LYS A 379 7.70 -14.60 0.00
N VAL A 380 6.90 -13.70 0.57
CA VAL A 380 5.71 -13.13 -0.04
C VAL A 380 5.36 -11.96 0.87
N GLN A 381 4.83 -10.87 0.32
CA GLN A 381 4.24 -9.85 1.18
C GLN A 381 3.01 -10.43 1.84
N ARG A 382 2.99 -10.46 3.17
CA ARG A 382 1.91 -11.07 3.94
C ARG A 382 1.23 -10.01 4.78
N LEU A 383 0.09 -10.40 5.35
CA LEU A 383 -0.72 -9.51 6.19
C LEU A 383 -1.03 -10.22 7.49
N PRO A 384 -0.05 -10.33 8.39
CA PRO A 384 -0.31 -11.01 9.65
C PRO A 384 -1.13 -10.13 10.59
N ILE A 385 -2.00 -10.77 11.36
CA ILE A 385 -2.64 -10.11 12.49
C ILE A 385 -1.63 -10.11 13.63
N GLU A 386 -1.09 -8.95 13.96
CA GLU A 386 0.01 -8.84 14.89
C GLU A 386 -0.39 -8.02 16.12
N PRO A 387 0.29 -8.21 17.25
CA PRO A 387 0.11 -7.29 18.37
C PRO A 387 0.70 -5.93 18.04
N ILE A 388 -0.10 -4.89 18.23
CA ILE A 388 0.33 -3.53 17.88
C ILE A 388 1.47 -3.08 18.79
N SER A 389 2.16 -2.03 18.36
CA SER A 389 3.26 -1.48 19.14
C SER A 389 2.72 -0.62 20.29
N GLN A 390 3.62 -0.30 21.23
CA GLN A 390 3.24 0.56 22.34
C GLN A 390 2.74 1.92 21.86
N ALA A 391 3.43 2.50 20.87
CA ALA A 391 3.02 3.79 20.34
C ALA A 391 1.66 3.70 19.65
N SER A 392 1.41 2.59 18.96
CA SER A 392 0.09 2.38 18.37
C SER A 392 -0.96 2.18 19.47
N ALA A 393 -0.65 1.38 20.48
CA ALA A 393 -1.60 1.15 21.57
C ALA A 393 -1.91 2.42 22.34
N ASN A 394 -0.96 3.34 22.43
CA ASN A 394 -1.20 4.59 23.13
C ASN A 394 -2.06 5.56 22.33
N GLN A 395 -1.97 5.50 20.99
CA GLN A 395 -2.84 6.32 20.17
C GLN A 395 -4.28 5.82 20.24
N ARG A 396 -4.47 4.50 20.32
CA ARG A 396 -5.80 3.96 20.61
C ARG A 396 -6.30 4.44 21.96
N LYS A 397 -5.40 4.48 22.95
CA LYS A 397 -5.78 4.97 24.28
C LYS A 397 -6.07 6.47 24.26
N GLY A 398 -5.29 7.23 23.49
CA GLY A 398 -5.48 8.67 23.40
C GLY A 398 -6.73 9.11 22.68
N ARG A 399 -7.54 8.17 22.18
CA ARG A 399 -8.77 8.50 21.47
C ARG A 399 -9.96 8.73 22.41
N CYS A 400 -9.75 8.82 23.73
CA CYS A 400 -10.83 9.15 24.65
C CYS A 400 -10.41 10.21 25.65
N GLY A 401 -9.37 10.99 25.35
CA GLY A 401 -8.92 12.02 26.26
C GLY A 401 -9.56 13.37 26.03
N ARG A 402 -10.89 13.42 26.00
CA ARG A 402 -11.61 14.68 25.84
C ARG A 402 -12.71 14.88 26.87
N VAL A 403 -13.10 13.84 27.60
CA VAL A 403 -14.10 13.95 28.65
C VAL A 403 -13.39 13.79 29.98
N SER A 404 -14.06 14.24 31.05
CA SER A 404 -13.46 14.42 32.37
C SER A 404 -12.48 13.33 32.76
N GLU A 405 -12.90 12.07 32.64
CA GLU A 405 -12.03 10.96 33.01
C GLU A 405 -12.35 9.79 32.07
N GLY A 406 -11.56 9.65 31.01
CA GLY A 406 -11.72 8.53 30.12
C GLY A 406 -11.08 7.28 30.68
N ILE A 407 -11.56 6.13 30.20
CA ILE A 407 -11.05 4.82 30.61
C ILE A 407 -10.76 4.02 29.35
N CYS A 408 -9.61 3.37 29.32
CA CYS A 408 -9.22 2.50 28.21
C CYS A 408 -8.96 1.11 28.76
N ILE A 409 -9.71 0.13 28.28
CA ILE A 409 -9.55 -1.26 28.68
C ILE A 409 -8.74 -1.98 27.62
N ARG A 410 -7.55 -2.43 28.00
CA ARG A 410 -6.68 -3.22 27.13
C ARG A 410 -6.88 -4.69 27.45
N LEU A 411 -7.28 -5.47 26.43
CA LEU A 411 -7.50 -6.91 26.60
C LEU A 411 -6.18 -7.67 26.54
N TYR A 412 -5.25 -7.27 27.42
CA TYR A 412 -3.96 -7.91 27.55
C TYR A 412 -3.28 -7.39 28.80
N SER A 413 -2.24 -8.09 29.23
CA SER A 413 -1.56 -7.76 30.47
C SER A 413 -0.59 -6.59 30.27
N GLU A 414 -0.35 -5.85 31.36
CA GLU A 414 0.68 -4.82 31.34
C GLU A 414 2.04 -5.38 30.96
N ASP A 415 2.34 -6.61 31.38
CA ASP A 415 3.59 -7.25 30.99
C ASP A 415 3.66 -7.47 29.47
N ASP A 416 2.54 -7.88 28.88
CA ASP A 416 2.45 -7.97 27.41
C ASP A 416 2.75 -6.60 26.78
N PHE A 417 2.05 -5.56 27.24
CA PHE A 417 2.22 -4.22 26.68
C PHE A 417 3.67 -3.77 26.73
N LEU A 418 4.30 -3.83 27.91
CA LEU A 418 5.66 -3.33 28.08
C LEU A 418 6.70 -4.15 27.33
N SER A 419 6.35 -5.33 26.81
CA SER A 419 7.28 -6.16 26.07
C SER A 419 7.21 -5.93 24.56
N ARG A 420 6.18 -5.26 24.07
CA ARG A 420 6.04 -4.98 22.65
C ARG A 420 7.04 -3.91 22.22
N PRO A 421 7.34 -3.84 20.91
CA PRO A 421 8.21 -2.76 20.42
C PRO A 421 7.62 -1.39 20.71
N GLU A 422 8.52 -0.44 21.01
CA GLU A 422 8.07 0.93 21.28
C GLU A 422 7.32 1.51 20.08
N PHE A 423 7.84 1.32 18.88
CA PHE A 423 7.30 1.94 17.69
C PHE A 423 7.04 0.88 16.62
N THR A 424 6.18 1.25 15.67
CA THR A 424 5.87 0.37 14.54
C THR A 424 6.87 0.58 13.42
N ASP A 425 7.26 -0.51 12.76
CA ASP A 425 8.25 -0.42 11.70
C ASP A 425 7.72 0.41 10.53
N PRO A 426 8.57 1.21 9.89
CA PRO A 426 8.12 1.95 8.70
C PRO A 426 7.85 1.01 7.53
N GLU A 427 6.79 1.33 6.77
CA GLU A 427 6.35 0.44 5.71
C GLU A 427 7.45 0.18 4.68
N ILE A 428 8.35 1.14 4.48
CA ILE A 428 9.44 0.96 3.52
C ILE A 428 10.33 -0.21 3.91
N LEU A 429 10.46 -0.49 5.21
CA LEU A 429 11.25 -1.61 5.69
C LEU A 429 10.43 -2.89 5.85
N ARG A 430 9.11 -2.82 5.68
CA ARG A 430 8.22 -3.97 5.79
C ARG A 430 7.75 -4.52 4.45
N THR A 431 8.09 -3.86 3.35
CA THR A 431 7.46 -4.13 2.06
C THR A 431 8.46 -4.78 1.10
N ASN A 432 7.94 -5.71 0.29
CA ASN A 432 8.71 -6.31 -0.79
C ASN A 432 9.21 -5.22 -1.73
N LEU A 433 10.54 -5.18 -1.93
CA LEU A 433 11.13 -4.09 -2.70
C LEU A 433 10.65 -4.11 -4.16
N ALA A 434 10.24 -5.27 -4.67
CA ALA A 434 9.60 -5.31 -5.99
C ALA A 434 8.35 -4.45 -6.01
N SER A 435 7.58 -4.46 -4.92
CA SER A 435 6.41 -3.60 -4.84
C SER A 435 6.80 -2.13 -4.72
N VAL A 436 7.90 -1.83 -4.04
CA VAL A 436 8.35 -0.44 -3.93
C VAL A 436 8.79 0.08 -5.29
N ILE A 437 9.50 -0.75 -6.06
CA ILE A 437 9.94 -0.33 -7.39
C ILE A 437 8.75 -0.11 -8.31
N LEU A 438 7.74 -0.99 -8.24
CA LEU A 438 6.55 -0.84 -9.08
C LEU A 438 5.90 0.53 -8.87
N GLN A 439 5.69 0.90 -7.60
CA GLN A 439 5.07 2.20 -7.33
C GLN A 439 5.98 3.35 -7.75
N MET A 440 7.27 3.26 -7.41
CA MET A 440 8.20 4.34 -7.77
C MET A 440 8.26 4.56 -9.27
N THR A 441 8.29 3.47 -10.05
CA THR A 441 8.33 3.62 -11.49
C THR A 441 7.02 4.15 -12.04
N ALA A 442 5.89 3.79 -11.42
CA ALA A 442 4.61 4.33 -11.86
C ALA A 442 4.48 5.82 -11.55
N LEU A 443 5.06 6.28 -10.45
CA LEU A 443 4.97 7.67 -10.05
C LEU A 443 6.06 8.55 -10.66
N GLY A 444 7.12 7.94 -11.21
CA GLY A 444 8.23 8.70 -11.75
C GLY A 444 9.27 9.15 -10.75
N LEU A 445 9.47 8.40 -9.68
CA LEU A 445 10.36 8.83 -8.60
C LEU A 445 11.81 8.43 -8.83
N GLY A 446 12.09 7.75 -9.94
CA GLY A 446 13.43 7.39 -10.35
C GLY A 446 13.96 6.08 -9.79
N ASP A 447 15.28 6.03 -9.57
CA ASP A 447 15.95 4.80 -9.18
C ASP A 447 15.86 4.61 -7.67
N ILE A 448 15.69 3.36 -7.24
CA ILE A 448 15.49 3.08 -5.82
C ILE A 448 16.76 3.37 -5.02
N ALA A 449 17.93 3.23 -5.64
CA ALA A 449 19.18 3.52 -4.93
C ALA A 449 19.49 5.01 -4.92
N ALA A 450 19.12 5.74 -5.97
CA ALA A 450 19.34 7.18 -6.04
C ALA A 450 18.36 7.98 -5.20
N PHE A 451 17.30 7.35 -4.69
CA PHE A 451 16.24 8.08 -4.00
C PHE A 451 16.64 8.36 -2.55
N PRO A 452 16.50 9.60 -2.09
CA PRO A 452 16.85 9.97 -0.70
C PRO A 452 15.76 9.59 0.30
N PHE A 453 15.75 8.31 0.67
CA PHE A 453 14.76 7.83 1.64
C PHE A 453 15.06 8.37 3.03
N VAL A 454 13.99 8.49 3.83
CA VAL A 454 14.17 8.84 5.23
C VAL A 454 14.79 7.67 5.99
N GLU A 455 14.38 6.45 5.63
CA GLU A 455 15.03 5.22 6.10
C GLU A 455 15.12 4.30 4.90
N ALA A 456 16.31 4.20 4.32
CA ALA A 456 16.48 3.44 3.10
C ALA A 456 16.38 1.94 3.38
N PRO A 457 15.78 1.17 2.48
CA PRO A 457 15.73 -0.28 2.65
C PRO A 457 17.07 -0.92 2.30
N ASP A 458 17.19 -2.20 2.63
CA ASP A 458 18.45 -2.92 2.49
C ASP A 458 18.83 -3.06 1.01
N LYS A 459 20.05 -2.66 0.68
CA LYS A 459 20.48 -2.59 -0.72
C LYS A 459 20.51 -3.96 -1.38
N ARG A 460 20.76 -5.03 -0.62
CA ARG A 460 20.88 -6.36 -1.24
C ARG A 460 19.55 -6.83 -1.82
N ASN A 461 18.45 -6.56 -1.12
CA ASN A 461 17.12 -6.94 -1.61
C ASN A 461 16.73 -6.20 -2.88
N ILE A 462 17.50 -5.19 -3.31
CA ILE A 462 17.13 -4.41 -4.49
C ILE A 462 17.23 -5.27 -5.75
N GLN A 463 18.39 -5.89 -5.96
CA GLN A 463 18.58 -6.71 -7.17
C GLN A 463 17.65 -7.91 -7.18
N ASP A 464 17.25 -8.39 -6.02
CA ASP A 464 16.28 -9.49 -5.97
C ASP A 464 14.90 -9.03 -6.40
N GLY A 465 14.51 -7.82 -5.99
CA GLY A 465 13.24 -7.28 -6.46
C GLY A 465 13.23 -7.01 -7.95
N VAL A 466 14.35 -6.51 -8.48
CA VAL A 466 14.45 -6.30 -9.93
C VAL A 466 14.28 -7.60 -10.69
N ARG A 467 14.94 -8.67 -10.22
CA ARG A 467 14.83 -9.95 -10.91
C ARG A 467 13.40 -10.50 -10.84
N LEU A 468 12.71 -10.28 -9.72
CA LEU A 468 11.33 -10.73 -9.62
C LEU A 468 10.45 -9.99 -10.62
N LEU A 469 10.62 -8.67 -10.73
CA LEU A 469 9.81 -7.90 -11.67
C LEU A 469 10.13 -8.28 -13.12
N GLU A 470 11.37 -8.64 -13.40
CA GLU A 470 11.70 -9.18 -14.72
C GLU A 470 11.06 -10.56 -14.92
N GLU A 471 11.15 -11.43 -13.92
CA GLU A 471 10.53 -12.74 -14.00
C GLU A 471 9.04 -12.65 -14.30
N LEU A 472 8.36 -11.67 -13.72
CA LEU A 472 6.93 -11.49 -13.90
C LEU A 472 6.59 -10.63 -15.12
N GLY A 473 7.60 -10.11 -15.82
CA GLY A 473 7.35 -9.26 -16.98
C GLY A 473 6.74 -7.92 -16.64
N ALA A 474 7.17 -7.33 -15.53
CA ALA A 474 6.62 -6.06 -15.07
C ALA A 474 7.44 -4.85 -15.47
N ILE A 475 8.74 -5.01 -15.72
CA ILE A 475 9.60 -3.88 -16.04
C ILE A 475 10.17 -4.06 -17.44
N THR A 476 10.57 -2.93 -18.02
CA THR A 476 10.93 -2.88 -19.44
C THR A 476 12.07 -3.84 -19.78
N THR A 477 13.19 -3.74 -19.06
CA THR A 477 14.44 -4.43 -19.38
C THR A 477 14.95 -4.06 -20.77
N ASP A 478 14.51 -2.92 -21.29
CA ASP A 478 14.95 -2.38 -22.58
C ASP A 478 15.78 -1.14 -22.32
N GLU A 479 16.82 -0.96 -23.13
CA GLU A 479 17.81 0.10 -22.95
C GLU A 479 17.27 1.39 -23.56
N GLN A 480 16.44 2.11 -22.79
CA GLN A 480 15.74 3.24 -23.39
C GLN A 480 16.70 4.40 -23.64
N ALA A 481 17.24 5.00 -22.58
CA ALA A 481 18.67 5.32 -22.53
C ALA A 481 19.35 4.66 -21.34
N SER A 482 18.88 4.94 -20.11
CA SER A 482 19.13 4.09 -18.94
C SER A 482 18.03 4.43 -17.92
N ALA A 483 17.02 3.56 -17.81
CA ALA A 483 15.96 3.79 -16.83
C ALA A 483 15.09 2.53 -16.75
N TYR A 484 14.05 2.63 -15.93
CA TYR A 484 13.03 1.59 -15.79
C TYR A 484 11.68 2.14 -16.22
N LYS A 485 10.90 1.32 -16.91
CA LYS A 485 9.55 1.66 -17.31
C LYS A 485 8.65 0.45 -17.08
N LEU A 486 7.41 0.72 -16.69
CA LEU A 486 6.45 -0.34 -16.47
C LEU A 486 5.85 -0.80 -17.80
N THR A 487 5.72 -2.11 -17.96
CA THR A 487 4.95 -2.66 -19.04
C THR A 487 3.47 -2.49 -18.71
N PRO A 488 2.57 -2.67 -19.67
CA PRO A 488 1.13 -2.61 -19.32
C PRO A 488 0.76 -3.64 -18.27
N LEU A 489 1.39 -4.81 -18.26
CA LEU A 489 1.16 -5.76 -17.18
C LEU A 489 1.68 -5.23 -15.85
N GLY A 490 2.90 -4.69 -15.85
CA GLY A 490 3.48 -4.19 -14.61
C GLY A 490 2.70 -3.06 -13.99
N ARG A 491 2.01 -2.26 -14.81
CA ARG A 491 1.16 -1.21 -14.26
C ARG A 491 -0.08 -1.80 -13.61
N GLN A 492 -0.60 -2.91 -14.14
CA GLN A 492 -1.74 -3.56 -13.51
C GLN A 492 -1.33 -4.22 -12.19
N LEU A 493 -0.12 -4.79 -12.13
CA LEU A 493 0.36 -5.39 -10.89
C LEU A 493 0.35 -4.38 -9.75
N SER A 494 0.82 -3.16 -10.00
CA SER A 494 0.94 -2.16 -8.95
C SER A 494 -0.39 -1.86 -8.26
N GLN A 495 -1.52 -2.16 -8.92
CA GLN A 495 -2.82 -1.84 -8.35
C GLN A 495 -3.42 -2.95 -7.49
N LEU A 496 -2.99 -4.20 -7.69
CA LEU A 496 -3.58 -5.29 -6.90
C LEU A 496 -2.96 -5.33 -5.51
N PRO A 497 -3.76 -5.56 -4.46
CA PRO A 497 -3.26 -5.45 -3.09
C PRO A 497 -2.54 -6.67 -2.56
N VAL A 498 -2.17 -7.62 -3.43
CA VAL A 498 -1.42 -8.79 -3.02
C VAL A 498 0.00 -8.68 -3.60
N ASP A 499 0.87 -9.58 -3.15
CA ASP A 499 2.27 -9.63 -3.57
C ASP A 499 2.38 -9.65 -5.11
N PRO A 500 3.44 -9.07 -5.69
CA PRO A 500 3.60 -9.15 -7.15
C PRO A 500 3.54 -10.56 -7.70
N ARG A 501 4.15 -11.54 -7.02
CA ARG A 501 4.03 -12.93 -7.43
C ARG A 501 2.56 -13.36 -7.48
N LEU A 502 1.82 -13.03 -6.42
CA LEU A 502 0.41 -13.43 -6.37
C LEU A 502 -0.42 -12.65 -7.37
N ALA A 503 -0.14 -11.35 -7.51
CA ALA A 503 -0.89 -10.53 -8.46
C ALA A 503 -0.68 -11.01 -9.89
N ARG A 504 0.51 -11.51 -10.22
CA ARG A 504 0.77 -11.99 -11.57
C ARG A 504 -0.08 -13.21 -11.90
N MET A 505 -0.43 -14.00 -10.88
CA MET A 505 -1.24 -15.20 -11.12
C MET A 505 -2.68 -14.83 -11.41
N VAL A 506 -3.19 -13.77 -10.76
CA VAL A 506 -4.56 -13.34 -11.01
C VAL A 506 -4.69 -12.79 -12.42
N LEU A 507 -3.70 -12.01 -12.86
CA LEU A 507 -3.74 -11.42 -14.19
C LEU A 507 -3.74 -12.50 -15.28
N GLU A 508 -3.02 -13.60 -15.04
CA GLU A 508 -3.01 -14.69 -16.02
C GLU A 508 -4.28 -15.53 -15.94
N ALA A 509 -4.98 -15.49 -14.81
CA ALA A 509 -6.24 -16.22 -14.67
C ALA A 509 -7.32 -15.70 -15.61
N GLN A 510 -7.22 -14.43 -16.05
CA GLN A 510 -8.15 -13.92 -17.04
C GLN A 510 -8.12 -14.76 -18.31
N LYS A 511 -6.92 -15.13 -18.77
CA LYS A 511 -6.80 -15.89 -20.00
C LYS A 511 -7.32 -17.32 -19.87
N HIS A 512 -7.49 -17.81 -18.65
CA HIS A 512 -7.89 -19.21 -18.43
C HIS A 512 -9.20 -19.35 -17.68
N GLY A 513 -9.95 -18.27 -17.52
CA GLY A 513 -11.23 -18.29 -16.83
C GLY A 513 -11.20 -18.98 -15.48
N CYS A 514 -10.21 -18.64 -14.66
CA CYS A 514 -10.07 -19.19 -13.32
C CYS A 514 -9.76 -18.09 -12.31
N VAL A 515 -10.31 -16.89 -12.53
CA VAL A 515 -10.01 -15.77 -11.64
C VAL A 515 -10.52 -16.04 -10.23
N ARG A 516 -11.67 -16.72 -10.11
CA ARG A 516 -12.17 -17.07 -8.79
C ARG A 516 -11.17 -17.94 -8.04
N GLU A 517 -10.83 -19.11 -8.61
CA GLU A 517 -9.82 -19.97 -8.00
C GLU A 517 -8.53 -19.21 -7.71
N ALA A 518 -8.10 -18.36 -8.66
CA ALA A 518 -6.87 -17.60 -8.46
C ALA A 518 -6.99 -16.65 -7.28
N MET A 519 -8.12 -15.95 -7.16
CA MET A 519 -8.30 -15.03 -6.04
C MET A 519 -8.38 -15.79 -4.72
N ILE A 520 -9.01 -16.96 -4.71
CA ILE A 520 -9.07 -17.78 -3.50
C ILE A 520 -7.66 -18.17 -3.08
N ILE A 521 -6.88 -18.70 -4.02
CA ILE A 521 -5.53 -19.19 -3.71
C ILE A 521 -4.60 -18.04 -3.39
N THR A 522 -4.67 -16.96 -4.17
CA THR A 522 -3.78 -15.82 -3.95
C THR A 522 -4.03 -15.16 -2.60
N SER A 523 -5.30 -15.02 -2.21
CA SER A 523 -5.58 -14.39 -0.92
C SER A 523 -5.22 -15.31 0.23
N ALA A 524 -5.37 -16.62 0.03
CA ALA A 524 -4.96 -17.58 1.06
C ALA A 524 -3.46 -17.46 1.35
N LEU A 525 -2.65 -17.38 0.29
CA LEU A 525 -1.20 -17.30 0.44
C LEU A 525 -0.75 -15.95 1.00
N SER A 526 -1.64 -14.98 1.12
CA SER A 526 -1.30 -13.68 1.68
C SER A 526 -1.41 -13.63 3.20
N ILE A 527 -1.88 -14.70 3.83
CA ILE A 527 -2.05 -14.75 5.27
C ILE A 527 -1.38 -16.00 5.80
N GLN A 528 -1.17 -16.03 7.12
CA GLN A 528 -0.75 -17.25 7.79
C GLN A 528 -1.87 -18.29 7.66
N ASP A 529 -1.47 -19.52 7.37
CA ASP A 529 -2.39 -20.61 7.07
C ASP A 529 -3.51 -20.66 8.12
N PRO A 530 -4.77 -20.49 7.72
CA PRO A 530 -5.86 -20.55 8.69
C PRO A 530 -6.07 -21.93 9.31
N ARG A 531 -5.48 -22.98 8.75
CA ARG A 531 -5.65 -24.34 9.28
C ARG A 531 -4.68 -24.53 10.44
N GLU A 532 -5.23 -24.67 11.65
CA GLU A 532 -4.42 -24.74 12.85
C GLU A 532 -4.03 -26.18 13.18
N ARG A 533 -2.91 -26.32 13.87
CA ARG A 533 -2.39 -27.64 14.26
C ARG A 533 -1.91 -27.56 15.71
N PRO A 534 -2.84 -27.63 16.66
CA PRO A 534 -2.44 -27.56 18.08
C PRO A 534 -1.56 -28.74 18.46
N MET A 535 -0.58 -28.47 19.32
CA MET A 535 0.35 -29.52 19.71
C MET A 535 -0.31 -30.59 20.58
N ASP A 536 -1.43 -30.27 21.22
CA ASP A 536 -2.18 -31.29 21.96
C ASP A 536 -3.17 -32.06 21.08
N LYS A 537 -3.52 -31.53 19.90
CA LYS A 537 -4.53 -32.12 19.03
C LYS A 537 -4.01 -32.23 17.60
N GLN A 538 -2.78 -32.74 17.44
CA GLN A 538 -2.21 -32.88 16.10
C GLN A 538 -3.00 -33.85 15.24
N GLN A 539 -3.31 -35.03 15.77
CA GLN A 539 -3.98 -36.05 14.96
C GLN A 539 -5.42 -35.67 14.67
N ALA A 540 -6.12 -35.07 15.65
CA ALA A 540 -7.50 -34.65 15.43
C ALA A 540 -7.58 -33.60 14.32
N SER A 541 -6.73 -32.58 14.37
CA SER A 541 -6.75 -31.54 13.34
C SER A 541 -6.34 -32.10 11.98
N ASP A 542 -5.32 -32.97 11.95
CA ASP A 542 -4.91 -33.58 10.69
C ASP A 542 -6.07 -34.26 10.00
N GLU A 543 -6.86 -35.03 10.78
CA GLU A 543 -8.05 -35.68 10.22
C GLU A 543 -9.00 -34.65 9.61
N LYS A 544 -9.16 -33.51 10.27
CA LYS A 544 -10.09 -32.49 9.76
C LYS A 544 -9.59 -31.90 8.45
N HIS A 545 -8.32 -31.50 8.40
CA HIS A 545 -7.81 -30.82 7.22
C HIS A 545 -7.61 -31.76 6.04
N ARG A 546 -7.49 -33.07 6.28
CA ARG A 546 -7.41 -34.02 5.17
C ARG A 546 -8.67 -34.04 4.32
N ARG A 547 -9.79 -33.54 4.85
CA ARG A 547 -11.03 -33.48 4.09
C ARG A 547 -10.90 -32.65 2.81
N PHE A 548 -9.85 -31.83 2.69
CA PHE A 548 -9.71 -30.93 1.57
C PHE A 548 -8.47 -31.18 0.72
N HIS A 549 -7.64 -32.16 1.08
CA HIS A 549 -6.40 -32.40 0.37
C HIS A 549 -6.67 -32.97 -1.02
N ASP A 550 -5.91 -32.48 -1.99
CA ASP A 550 -5.96 -32.98 -3.36
C ASP A 550 -4.70 -33.80 -3.64
N LYS A 551 -4.82 -34.78 -4.54
CA LYS A 551 -3.74 -35.73 -4.76
C LYS A 551 -2.57 -35.12 -5.50
N GLU A 552 -2.80 -34.08 -6.30
CA GLU A 552 -1.76 -33.50 -7.14
C GLU A 552 -1.38 -32.08 -6.77
N SER A 553 -2.28 -31.31 -6.18
CA SER A 553 -2.01 -29.93 -5.81
C SER A 553 -2.64 -29.62 -4.47
N ASP A 554 -1.82 -29.23 -3.49
CA ASP A 554 -2.37 -28.67 -2.26
C ASP A 554 -2.54 -27.15 -2.35
N PHE A 555 -2.48 -26.59 -3.57
CA PHE A 555 -3.10 -25.29 -3.80
C PHE A 555 -4.61 -25.42 -3.81
N LEU A 556 -5.12 -26.48 -4.45
CA LEU A 556 -6.56 -26.68 -4.56
C LEU A 556 -7.22 -26.97 -3.21
N ALA A 557 -6.45 -27.37 -2.20
CA ALA A 557 -7.02 -27.53 -0.87
C ALA A 557 -7.58 -26.22 -0.35
N PHE A 558 -6.94 -25.09 -0.69
CA PHE A 558 -7.49 -23.80 -0.34
C PHE A 558 -8.84 -23.58 -1.01
N VAL A 559 -9.00 -24.06 -2.25
CA VAL A 559 -10.27 -23.91 -2.94
C VAL A 559 -11.34 -24.79 -2.30
N ASN A 560 -10.99 -26.05 -1.99
CA ASN A 560 -11.93 -26.94 -1.32
C ASN A 560 -12.34 -26.40 0.05
N LEU A 561 -11.39 -25.82 0.78
CA LEU A 561 -11.70 -25.24 2.08
C LEU A 561 -12.58 -24.01 1.91
N TRP A 562 -12.31 -23.18 0.90
CA TRP A 562 -13.11 -21.99 0.65
C TRP A 562 -14.56 -22.34 0.33
N ASN A 563 -14.76 -23.31 -0.56
CA ASN A 563 -16.12 -23.73 -0.90
C ASN A 563 -16.81 -24.31 0.32
N TYR A 564 -16.08 -25.07 1.13
CA TYR A 564 -16.64 -25.60 2.37
C TYR A 564 -17.05 -24.46 3.30
N LEU A 565 -16.14 -23.50 3.53
CA LEU A 565 -16.46 -22.37 4.38
C LEU A 565 -17.64 -21.57 3.83
N GLY A 566 -17.71 -21.42 2.51
CA GLY A 566 -18.81 -20.67 1.92
C GLY A 566 -20.15 -21.36 2.09
N GLU A 567 -20.17 -22.70 2.00
CA GLU A 567 -21.44 -23.41 2.16
C GLU A 567 -21.87 -23.47 3.62
N GLN A 568 -20.92 -23.44 4.56
CA GLN A 568 -21.28 -23.59 5.96
C GLN A 568 -21.84 -22.29 6.52
N GLN A 569 -21.26 -21.15 6.15
CA GLN A 569 -21.83 -19.89 6.62
C GLN A 569 -23.16 -19.57 5.96
N LYS A 570 -23.56 -20.31 4.94
CA LYS A 570 -24.92 -20.21 4.41
C LYS A 570 -25.92 -20.89 5.33
N ALA A 571 -25.59 -22.09 5.81
CA ALA A 571 -26.50 -22.86 6.65
C ALA A 571 -26.38 -22.55 8.13
N LEU A 572 -25.27 -21.94 8.56
CA LEU A 572 -25.00 -21.70 9.97
C LEU A 572 -25.18 -20.23 10.32
N SER A 573 -25.41 -19.97 11.60
CA SER A 573 -25.47 -18.61 12.13
C SER A 573 -24.06 -18.10 12.43
N SER A 574 -23.99 -16.81 12.75
CA SER A 574 -22.72 -16.21 13.17
C SER A 574 -22.09 -17.01 14.30
N ASN A 575 -22.85 -17.23 15.39
CA ASN A 575 -22.33 -17.98 16.52
C ASN A 575 -21.94 -19.40 16.14
N ALA A 576 -22.80 -20.07 15.37
CA ALA A 576 -22.51 -21.46 14.99
C ALA A 576 -21.29 -21.56 14.09
N PHE A 577 -21.06 -20.56 13.25
CA PHE A 577 -19.90 -20.59 12.36
C PHE A 577 -18.60 -20.36 13.13
N ARG A 578 -18.62 -19.45 14.11
CA ARG A 578 -17.46 -19.27 14.97
C ARG A 578 -17.22 -20.50 15.84
N ARG A 579 -18.29 -21.25 16.13
CA ARG A 579 -18.15 -22.52 16.83
C ARG A 579 -17.57 -23.59 15.92
N LEU A 580 -17.95 -23.56 14.63
CA LEU A 580 -17.42 -24.54 13.68
C LEU A 580 -15.92 -24.34 13.44
N CYS A 581 -15.45 -23.10 13.45
CA CYS A 581 -14.03 -22.85 13.32
C CYS A 581 -13.24 -23.45 14.48
N ARG A 582 -13.87 -23.60 15.65
CA ARG A 582 -13.19 -24.27 16.74
C ARG A 582 -13.20 -25.78 16.58
N THR A 583 -14.34 -26.35 16.16
CA THR A 583 -14.43 -27.79 15.99
C THR A 583 -13.62 -28.29 14.80
N ASP A 584 -13.32 -27.41 13.84
CA ASP A 584 -12.56 -27.80 12.66
C ASP A 584 -11.12 -27.29 12.69
N TYR A 585 -10.66 -26.78 13.84
CA TYR A 585 -9.30 -26.29 14.01
C TYR A 585 -8.94 -25.27 12.93
N LEU A 586 -9.85 -24.32 12.72
CA LEU A 586 -9.66 -23.20 11.82
C LEU A 586 -9.60 -21.92 12.64
N ASN A 587 -8.55 -21.12 12.43
CA ASN A 587 -8.42 -19.87 13.16
C ASN A 587 -9.47 -18.89 12.67
N TYR A 588 -10.43 -18.57 13.54
CA TYR A 588 -11.58 -17.78 13.13
C TYR A 588 -11.16 -16.42 12.58
N LEU A 589 -10.23 -15.73 13.28
CA LEU A 589 -9.84 -14.39 12.86
C LEU A 589 -9.14 -14.40 11.50
N ARG A 590 -8.37 -15.45 11.21
CA ARG A 590 -7.73 -15.55 9.91
C ARG A 590 -8.68 -16.08 8.84
N VAL A 591 -9.71 -16.84 9.21
CA VAL A 591 -10.75 -17.19 8.25
C VAL A 591 -11.51 -15.94 7.81
N ARG A 592 -11.82 -15.06 8.76
CA ARG A 592 -12.47 -13.80 8.41
C ARG A 592 -11.52 -12.91 7.60
N GLU A 593 -10.25 -12.87 7.98
CA GLU A 593 -9.30 -12.05 7.23
C GLU A 593 -9.10 -12.59 5.82
N TRP A 594 -9.10 -13.92 5.68
CA TRP A 594 -9.10 -14.53 4.35
C TRP A 594 -10.25 -14.00 3.51
N GLN A 595 -11.45 -13.98 4.08
CA GLN A 595 -12.61 -13.44 3.37
C GLN A 595 -12.44 -11.95 3.09
N ASP A 596 -11.81 -11.22 4.01
CA ASP A 596 -11.56 -9.79 3.81
C ASP A 596 -10.65 -9.55 2.62
N ILE A 597 -9.51 -10.26 2.55
CA ILE A 597 -8.59 -10.09 1.44
C ILE A 597 -9.29 -10.38 0.13
N TYR A 598 -10.02 -11.49 0.08
CA TYR A 598 -10.72 -11.88 -1.15
C TYR A 598 -11.67 -10.78 -1.63
N THR A 599 -12.35 -10.12 -0.69
CA THR A 599 -13.30 -9.08 -1.06
C THR A 599 -12.58 -7.85 -1.63
N GLN A 600 -11.54 -7.38 -0.94
CA GLN A 600 -10.76 -6.24 -1.44
C GLN A 600 -10.15 -6.56 -2.80
N LEU A 601 -9.58 -7.76 -2.94
CA LEU A 601 -8.97 -8.16 -4.21
C LEU A 601 -10.02 -8.24 -5.32
N ARG A 602 -11.19 -8.82 -5.02
CA ARG A 602 -12.26 -8.94 -6.00
C ARG A 602 -12.70 -7.57 -6.52
N GLN A 603 -12.66 -6.55 -5.66
CA GLN A 603 -13.10 -5.23 -6.10
C GLN A 603 -12.09 -4.58 -7.03
N VAL A 604 -10.78 -4.78 -6.77
CA VAL A 604 -9.78 -4.25 -7.68
C VAL A 604 -9.81 -5.01 -9.00
N VAL A 605 -10.10 -6.31 -8.96
CA VAL A 605 -10.21 -7.09 -10.19
C VAL A 605 -11.35 -6.57 -11.05
N LYS A 606 -12.48 -6.21 -10.42
CA LYS A 606 -13.63 -5.72 -11.17
C LYS A 606 -13.35 -4.36 -11.79
N GLU A 607 -12.74 -3.45 -11.03
CA GLU A 607 -12.42 -2.15 -11.60
C GLU A 607 -11.26 -2.20 -12.59
N LEU A 608 -10.64 -3.36 -12.76
CA LEU A 608 -9.74 -3.61 -13.88
C LEU A 608 -10.45 -4.23 -15.07
N GLY A 609 -11.77 -4.38 -15.00
CA GLY A 609 -12.52 -4.99 -16.09
C GLY A 609 -12.28 -6.47 -16.27
N ILE A 610 -11.74 -7.15 -15.25
CA ILE A 610 -11.39 -8.56 -15.35
C ILE A 610 -12.60 -9.38 -14.88
N PRO A 611 -13.13 -10.27 -15.70
CA PRO A 611 -14.31 -11.06 -15.29
C PRO A 611 -13.95 -12.21 -14.37
N VAL A 612 -14.90 -12.53 -13.49
CA VAL A 612 -14.75 -13.60 -12.50
C VAL A 612 -15.64 -14.76 -12.92
N ASN A 613 -15.03 -15.92 -13.14
CA ASN A 613 -15.77 -17.07 -13.63
C ASN A 613 -16.76 -17.57 -12.57
N SER A 614 -17.93 -18.01 -13.04
CA SER A 614 -18.93 -18.63 -12.18
C SER A 614 -18.87 -20.14 -12.19
N GLU A 615 -18.31 -20.73 -13.25
CA GLU A 615 -18.15 -22.18 -13.39
C GLU A 615 -16.72 -22.58 -13.06
N PRO A 616 -16.54 -23.66 -12.28
CA PRO A 616 -15.19 -24.02 -11.82
C PRO A 616 -14.26 -24.33 -12.98
N ALA A 617 -12.99 -23.95 -12.79
CA ALA A 617 -11.96 -24.26 -13.76
C ALA A 617 -11.28 -25.58 -13.41
N GLU A 618 -10.61 -26.16 -14.41
CA GLU A 618 -9.94 -27.44 -14.26
C GLU A 618 -8.48 -27.24 -13.91
N TYR A 619 -7.79 -28.37 -13.66
CA TYR A 619 -6.44 -28.35 -13.13
C TYR A 619 -5.52 -27.49 -14.00
N ARG A 620 -5.48 -27.79 -15.30
CA ARG A 620 -4.56 -27.12 -16.22
C ARG A 620 -4.74 -25.60 -16.17
N GLU A 621 -5.98 -25.13 -16.32
CA GLU A 621 -6.24 -23.69 -16.38
C GLU A 621 -5.78 -22.98 -15.11
N ILE A 622 -6.05 -23.56 -13.95
CA ILE A 622 -5.64 -22.94 -12.69
C ILE A 622 -4.12 -22.86 -12.61
N HIS A 623 -3.45 -24.01 -12.75
CA HIS A 623 -2.04 -24.10 -12.43
C HIS A 623 -1.13 -23.45 -13.48
N ILE A 624 -1.60 -23.29 -14.71
CA ILE A 624 -0.85 -22.47 -15.67
C ILE A 624 -0.85 -21.01 -15.22
N ALA A 625 -1.98 -20.53 -14.68
CA ALA A 625 -2.03 -19.18 -14.17
C ALA A 625 -1.15 -19.03 -12.93
N LEU A 626 -1.18 -20.01 -12.04
CA LEU A 626 -0.28 -20.00 -10.88
C LEU A 626 1.18 -20.03 -11.33
N LEU A 627 1.48 -20.83 -12.37
CA LEU A 627 2.85 -21.00 -12.83
C LEU A 627 3.49 -19.67 -13.21
N THR A 628 2.73 -18.76 -13.83
CA THR A 628 3.30 -17.50 -14.29
C THR A 628 3.82 -16.65 -13.13
N GLY A 629 3.36 -16.91 -11.90
CA GLY A 629 3.92 -16.27 -10.73
C GLY A 629 5.01 -17.06 -10.03
N LEU A 630 5.23 -18.32 -10.43
CA LEU A 630 6.18 -19.21 -9.77
C LEU A 630 7.25 -19.72 -10.74
N LEU A 631 7.63 -18.91 -11.73
CA LEU A 631 8.54 -19.40 -12.77
C LEU A 631 9.92 -19.77 -12.20
N SER A 632 10.36 -19.13 -11.12
CA SER A 632 11.61 -19.49 -10.48
C SER A 632 11.39 -20.41 -9.28
N HIS A 633 10.20 -21.01 -9.17
CA HIS A 633 9.90 -21.99 -8.13
C HIS A 633 9.58 -23.35 -8.73
N ILE A 634 10.08 -23.61 -9.93
CA ILE A 634 9.87 -24.88 -10.61
C ILE A 634 10.92 -25.87 -10.13
N GLY A 635 10.57 -27.16 -10.15
CA GLY A 635 11.50 -28.19 -9.74
C GLY A 635 11.47 -29.42 -10.63
N MET A 636 12.65 -29.91 -11.03
CA MET A 636 12.78 -31.13 -11.82
C MET A 636 13.38 -32.21 -10.94
N LYS A 637 12.63 -33.29 -10.74
CA LYS A 637 13.06 -34.34 -9.82
C LYS A 637 14.22 -35.13 -10.38
N ASP A 638 15.12 -35.54 -9.48
CA ASP A 638 16.18 -36.45 -9.85
C ASP A 638 15.61 -37.84 -10.17
N ALA A 639 16.34 -38.56 -11.02
CA ALA A 639 15.89 -39.89 -11.46
C ALA A 639 15.63 -40.81 -10.28
N ASP A 640 16.63 -40.99 -9.42
CA ASP A 640 16.53 -41.94 -8.31
C ASP A 640 16.19 -41.25 -6.99
N LYS A 641 16.99 -40.27 -6.59
CA LYS A 641 16.70 -39.51 -5.38
C LYS A 641 15.34 -38.83 -5.48
N GLN A 642 14.77 -38.54 -4.31
CA GLN A 642 13.51 -37.81 -4.23
C GLN A 642 13.72 -36.31 -4.04
N GLU A 643 14.85 -35.78 -4.50
CA GLU A 643 15.15 -34.35 -4.44
C GLU A 643 14.97 -33.72 -5.82
N TYR A 644 14.79 -32.40 -5.81
CA TYR A 644 14.57 -31.61 -7.01
C TYR A 644 15.74 -30.67 -7.26
N THR A 645 15.89 -30.25 -8.51
CA THR A 645 16.79 -29.16 -8.88
C THR A 645 15.96 -27.92 -9.15
N GLY A 646 16.35 -26.80 -8.53
CA GLY A 646 15.60 -25.57 -8.59
C GLY A 646 16.13 -24.62 -9.64
N ALA A 647 15.69 -23.35 -9.54
CA ALA A 647 16.01 -22.38 -10.56
C ALA A 647 17.51 -22.11 -10.67
N ARG A 648 18.11 -21.56 -9.61
CA ARG A 648 19.49 -21.08 -9.72
C ARG A 648 20.48 -22.18 -9.32
N ASN A 649 20.35 -23.33 -9.98
CA ASN A 649 21.08 -24.55 -9.61
C ASN A 649 20.80 -24.97 -8.17
N ALA A 650 19.72 -24.44 -7.59
CA ALA A 650 19.32 -24.81 -6.24
C ALA A 650 18.77 -26.24 -6.22
N ARG A 651 18.74 -26.82 -5.03
CA ARG A 651 18.22 -28.17 -4.82
C ARG A 651 17.33 -28.18 -3.59
N PHE A 652 16.09 -28.65 -3.76
CA PHE A 652 15.13 -28.68 -2.67
C PHE A 652 14.38 -30.00 -2.65
N SER A 653 13.61 -30.20 -1.58
CA SER A 653 12.79 -31.39 -1.40
C SER A 653 11.39 -30.95 -0.99
N ILE A 654 10.43 -31.84 -1.18
CA ILE A 654 9.03 -31.51 -0.89
C ILE A 654 8.81 -31.53 0.62
N PHE A 655 8.04 -30.56 1.10
CA PHE A 655 7.66 -30.48 2.50
C PHE A 655 6.96 -31.77 2.94
N PRO A 656 7.27 -32.31 4.12
CA PRO A 656 6.69 -33.59 4.52
C PRO A 656 5.17 -33.55 4.70
N GLY A 657 4.62 -32.40 5.11
CA GLY A 657 3.18 -32.28 5.22
C GLY A 657 2.44 -32.17 3.91
N SER A 658 3.14 -32.19 2.78
CA SER A 658 2.53 -32.00 1.48
C SER A 658 1.80 -33.26 1.02
N GLY A 659 0.80 -33.07 0.17
CA GLY A 659 0.16 -34.20 -0.48
C GLY A 659 1.01 -34.85 -1.56
N LEU A 660 2.09 -34.19 -1.97
CA LEU A 660 3.01 -34.71 -2.97
C LEU A 660 4.22 -35.38 -2.34
N PHE A 661 4.32 -35.37 -1.00
CA PHE A 661 5.41 -36.09 -0.34
C PHE A 661 5.27 -37.59 -0.54
N LYS A 662 4.03 -38.08 -0.64
CA LYS A 662 3.81 -39.51 -0.86
C LYS A 662 4.26 -39.95 -2.24
N LYS A 663 3.99 -39.14 -3.28
CA LYS A 663 4.27 -39.50 -4.66
C LYS A 663 4.79 -38.28 -5.41
N PRO A 664 6.10 -38.03 -5.36
CA PRO A 664 6.66 -36.81 -5.95
C PRO A 664 6.76 -36.92 -7.46
N PRO A 665 6.12 -36.01 -8.20
CA PRO A 665 6.15 -36.06 -9.66
C PRO A 665 7.41 -35.42 -10.21
N LYS A 666 7.61 -35.62 -11.53
CA LYS A 666 8.86 -35.22 -12.16
C LYS A 666 9.02 -33.70 -12.21
N TRP A 667 7.92 -32.96 -12.32
CA TRP A 667 7.98 -31.50 -12.36
C TRP A 667 6.95 -30.91 -11.41
N VAL A 668 7.41 -30.03 -10.52
CA VAL A 668 6.54 -29.37 -9.56
C VAL A 668 6.82 -27.87 -9.57
N MET A 669 5.85 -27.12 -9.06
CA MET A 669 6.01 -25.72 -8.71
C MET A 669 5.61 -25.58 -7.24
N VAL A 670 6.40 -24.84 -6.48
CA VAL A 670 6.18 -24.69 -5.05
C VAL A 670 5.92 -23.21 -4.76
N ALA A 671 4.98 -22.97 -3.84
CA ALA A 671 4.65 -21.59 -3.49
C ALA A 671 5.81 -20.89 -2.79
N GLU A 672 6.52 -21.59 -1.93
CA GLU A 672 7.56 -20.96 -1.12
C GLU A 672 8.74 -21.92 -0.95
N LEU A 673 9.92 -21.33 -0.79
CA LEU A 673 11.14 -22.07 -0.53
C LEU A 673 11.70 -21.62 0.82
N VAL A 674 11.80 -22.56 1.77
CA VAL A 674 12.28 -22.26 3.12
C VAL A 674 13.45 -23.17 3.43
N GLU A 675 14.39 -22.68 4.24
CA GLU A 675 15.58 -23.44 4.65
C GLU A 675 15.57 -23.58 6.17
N THR A 676 15.03 -24.67 6.68
CA THR A 676 15.20 -24.98 8.10
C THR A 676 16.39 -25.94 8.32
N SER A 677 16.31 -27.13 7.75
CA SER A 677 17.40 -28.10 7.80
C SER A 677 17.93 -28.47 6.43
N ARG A 678 17.05 -28.52 5.44
CA ARG A 678 17.37 -28.66 4.03
C ARG A 678 16.55 -27.60 3.31
N LEU A 679 16.71 -27.48 2.00
CA LEU A 679 15.86 -26.57 1.26
C LEU A 679 14.53 -27.26 1.01
N TRP A 680 13.45 -26.64 1.49
CA TRP A 680 12.13 -27.26 1.47
C TRP A 680 11.24 -26.56 0.46
N GLY A 681 10.33 -27.34 -0.13
CA GLY A 681 9.31 -26.75 -0.96
C GLY A 681 7.94 -26.89 -0.32
N ARG A 682 7.39 -25.77 0.16
CA ARG A 682 6.03 -25.71 0.64
C ARG A 682 5.15 -25.39 -0.56
N ILE A 683 3.88 -25.01 -0.34
CA ILE A 683 2.75 -25.57 -1.05
C ILE A 683 3.04 -25.82 -2.52
N ALA A 684 2.80 -27.05 -2.96
CA ALA A 684 3.36 -27.61 -4.17
C ALA A 684 2.26 -28.21 -5.03
N ALA A 685 2.60 -28.43 -6.31
CA ALA A 685 1.63 -28.95 -7.27
C ALA A 685 2.37 -29.58 -8.44
N ARG A 686 1.88 -30.74 -8.87
CA ARG A 686 2.37 -31.35 -10.10
C ARG A 686 2.05 -30.46 -11.30
N ILE A 687 3.03 -30.30 -12.18
CA ILE A 687 2.86 -29.54 -13.42
C ILE A 687 3.37 -30.37 -14.59
N ASP A 688 3.07 -29.88 -15.80
CA ASP A 688 3.61 -30.41 -17.05
C ASP A 688 4.68 -29.46 -17.57
N PRO A 689 5.87 -29.95 -17.94
CA PRO A 689 6.89 -29.05 -18.50
C PRO A 689 6.45 -28.35 -19.77
N GLU A 690 5.49 -28.93 -20.52
CA GLU A 690 5.00 -28.29 -21.73
C GLU A 690 4.33 -26.94 -21.45
N TRP A 691 3.87 -26.72 -20.22
CA TRP A 691 3.23 -25.46 -19.86
C TRP A 691 4.21 -24.32 -19.72
N VAL A 692 5.47 -24.61 -19.41
CA VAL A 692 6.42 -23.56 -19.05
C VAL A 692 6.80 -22.71 -20.26
N GLU A 693 7.15 -23.35 -21.38
CA GLU A 693 7.64 -22.62 -22.54
C GLU A 693 6.70 -21.52 -23.03
N PRO A 694 5.39 -21.76 -23.23
CA PRO A 694 4.53 -20.65 -23.72
C PRO A 694 4.45 -19.46 -22.77
N VAL A 695 4.68 -19.64 -21.47
CA VAL A 695 4.58 -18.56 -20.49
C VAL A 695 5.94 -18.05 -20.04
N ALA A 696 7.04 -18.50 -20.67
CA ALA A 696 8.38 -18.08 -20.28
C ALA A 696 9.19 -17.57 -21.48
N GLN A 697 8.51 -17.02 -22.48
CA GLN A 697 9.18 -16.55 -23.70
C GLN A 697 10.22 -15.48 -23.41
N HIS A 698 10.15 -14.83 -22.26
CA HIS A 698 11.10 -13.80 -21.86
C HIS A 698 12.25 -14.35 -21.02
N LEU A 699 12.21 -15.64 -20.68
CA LEU A 699 13.23 -16.28 -19.87
C LEU A 699 13.95 -17.43 -20.58
N ILE A 700 13.27 -18.13 -21.49
CA ILE A 700 13.85 -19.31 -22.12
C ILE A 700 15.17 -18.96 -22.80
N LYS A 701 16.11 -19.89 -22.72
CA LYS A 701 17.39 -19.81 -23.41
C LYS A 701 17.50 -21.03 -24.31
N ARG A 702 17.64 -20.80 -25.62
CA ARG A 702 17.69 -21.86 -26.62
C ARG A 702 19.13 -22.16 -27.00
N THR A 703 19.54 -23.42 -26.86
CA THR A 703 20.82 -23.88 -27.38
C THR A 703 20.58 -25.00 -28.41
N TYR A 704 21.56 -25.18 -29.29
CA TYR A 704 21.44 -26.13 -30.40
C TYR A 704 22.69 -27.00 -30.46
N SER A 705 22.50 -28.27 -30.81
CA SER A 705 23.61 -29.22 -30.89
C SER A 705 23.40 -30.15 -32.09
N GLU A 706 24.48 -30.83 -32.45
CA GLU A 706 24.51 -31.77 -33.57
C GLU A 706 23.90 -31.22 -34.87
N PRO A 707 24.42 -30.09 -35.38
CA PRO A 707 23.93 -29.59 -36.66
C PRO A 707 24.44 -30.46 -37.80
N HIS A 708 23.53 -30.86 -38.69
CA HIS A 708 23.85 -31.80 -39.75
C HIS A 708 22.85 -31.65 -40.89
N TRP A 709 23.30 -31.94 -42.10
CA TRP A 709 22.42 -31.94 -43.26
C TRP A 709 21.55 -33.20 -43.26
N GLU A 710 20.33 -33.06 -43.75
CA GLU A 710 19.40 -34.18 -43.89
C GLU A 710 18.84 -34.20 -45.30
N ARG A 711 19.09 -35.29 -46.02
CA ARG A 711 18.63 -35.41 -47.41
C ARG A 711 17.11 -35.29 -47.50
N ALA A 712 16.39 -36.01 -46.63
CA ALA A 712 14.93 -36.03 -46.70
C ALA A 712 14.31 -34.65 -46.49
N GLN A 713 14.99 -33.78 -45.74
CA GLN A 713 14.43 -32.46 -45.44
C GLN A 713 14.95 -31.36 -46.36
N GLY A 714 16.07 -31.58 -47.03
CA GLY A 714 16.69 -30.51 -47.82
C GLY A 714 17.02 -29.29 -46.98
N ALA A 715 17.55 -29.50 -45.79
CA ALA A 715 17.89 -28.41 -44.89
C ALA A 715 18.80 -28.94 -43.79
N VAL A 716 19.43 -28.01 -43.07
CA VAL A 716 20.28 -28.36 -41.93
C VAL A 716 19.39 -28.53 -40.71
N MET A 717 19.47 -29.69 -40.06
CA MET A 717 18.70 -29.99 -38.88
C MET A 717 19.60 -29.97 -37.65
N ALA A 718 19.00 -29.68 -36.49
CA ALA A 718 19.75 -29.64 -35.25
C ALA A 718 18.86 -30.14 -34.12
N THR A 719 19.43 -30.20 -32.92
CA THR A 719 18.72 -30.59 -31.72
C THR A 719 18.64 -29.38 -30.80
N GLU A 720 17.43 -29.02 -30.41
CA GLU A 720 17.20 -27.82 -29.63
C GLU A 720 16.97 -28.16 -28.16
N LYS A 721 17.60 -27.39 -27.29
CA LYS A 721 17.42 -27.49 -25.84
C LYS A 721 16.95 -26.13 -25.34
N VAL A 722 15.88 -26.13 -24.55
CA VAL A 722 15.31 -24.92 -23.98
C VAL A 722 15.41 -25.01 -22.47
N THR A 723 15.99 -23.99 -21.85
CA THR A 723 16.12 -23.93 -20.40
C THR A 723 15.43 -22.68 -19.85
N VAL A 724 14.76 -22.84 -18.72
CA VAL A 724 14.26 -21.70 -17.93
C VAL A 724 15.01 -21.72 -16.61
N TYR A 725 15.77 -20.65 -16.35
CA TYR A 725 16.70 -20.60 -15.23
C TYR A 725 17.58 -21.85 -15.19
N GLY A 726 17.93 -22.37 -16.37
CA GLY A 726 18.80 -23.53 -16.45
C GLY A 726 18.12 -24.88 -16.32
N LEU A 727 16.81 -24.91 -16.08
CA LEU A 727 16.21 -26.23 -16.06
C LEU A 727 15.76 -26.63 -17.47
N PRO A 728 16.02 -27.87 -17.88
CA PRO A 728 15.68 -28.31 -19.25
C PRO A 728 14.22 -28.70 -19.44
N ILE A 729 13.37 -27.69 -19.62
CA ILE A 729 11.96 -27.93 -19.86
C ILE A 729 11.76 -28.67 -21.18
N VAL A 730 12.58 -28.34 -22.17
CA VAL A 730 12.63 -29.07 -23.43
C VAL A 730 14.04 -29.64 -23.53
N ALA A 731 14.17 -30.94 -23.35
CA ALA A 731 15.49 -31.55 -23.30
C ALA A 731 16.15 -31.58 -24.67
N ALA A 732 15.47 -32.15 -25.67
CA ALA A 732 16.07 -32.29 -26.99
C ALA A 732 14.97 -32.51 -28.02
N ARG A 733 14.81 -31.57 -28.95
CA ARG A 733 13.87 -31.74 -30.05
C ARG A 733 14.51 -31.33 -31.37
N LYS A 734 14.23 -32.10 -32.41
CA LYS A 734 14.80 -31.83 -33.73
C LYS A 734 14.13 -30.63 -34.37
N VAL A 735 14.94 -29.67 -34.82
CA VAL A 735 14.44 -28.45 -35.46
C VAL A 735 15.08 -28.30 -36.84
N ASN A 736 14.57 -27.33 -37.59
CA ASN A 736 15.12 -26.98 -38.91
C ASN A 736 16.08 -25.83 -38.70
N TYR A 737 17.38 -26.16 -38.55
CA TYR A 737 18.37 -25.15 -38.22
C TYR A 737 18.55 -24.14 -39.35
N SER A 738 18.30 -24.54 -40.60
CA SER A 738 18.39 -23.60 -41.73
C SER A 738 17.46 -22.40 -41.56
N GLN A 739 16.37 -22.57 -40.82
CA GLN A 739 15.41 -21.50 -40.59
C GLN A 739 15.71 -20.72 -39.31
N ILE A 740 16.76 -21.07 -38.58
CA ILE A 740 17.09 -20.43 -37.30
C ILE A 740 18.39 -19.63 -37.41
N ASP A 741 19.48 -20.29 -37.80
CA ASP A 741 20.80 -19.66 -37.86
C ASP A 741 21.48 -20.03 -39.18
N PRO A 742 21.09 -19.38 -40.28
CA PRO A 742 21.71 -19.72 -41.57
C PRO A 742 23.17 -19.31 -41.67
N ALA A 743 23.64 -18.42 -40.80
CA ALA A 743 25.05 -18.03 -40.83
C ALA A 743 25.93 -19.18 -40.37
N LEU A 744 25.62 -19.76 -39.22
CA LEU A 744 26.42 -20.88 -38.72
C LEU A 744 26.39 -22.06 -39.69
N CYS A 745 25.23 -22.35 -40.28
CA CYS A 745 25.14 -23.40 -41.27
C CYS A 745 26.13 -23.17 -42.41
N ARG A 746 26.33 -21.92 -42.79
CA ARG A 746 27.33 -21.60 -43.82
C ARG A 746 28.75 -21.75 -43.27
N GLU A 747 29.03 -21.14 -42.12
CA GLU A 747 30.33 -21.32 -41.47
C GLU A 747 30.66 -22.80 -41.30
N LEU A 748 29.66 -23.59 -40.92
CA LEU A 748 29.90 -25.03 -40.78
C LEU A 748 30.03 -25.72 -42.13
N PHE A 749 29.33 -25.23 -43.18
CA PHE A 749 29.44 -25.92 -44.46
C PHE A 749 30.82 -25.73 -45.08
N ILE A 750 31.36 -24.51 -45.05
CA ILE A 750 32.79 -24.35 -45.29
C ILE A 750 33.45 -24.45 -43.92
N ARG A 751 33.55 -25.69 -43.45
CA ARG A 751 34.66 -26.26 -42.72
C ARG A 751 34.86 -27.68 -43.18
N HIS A 752 34.09 -28.11 -44.18
CA HIS A 752 33.89 -29.52 -44.56
C HIS A 752 33.28 -30.35 -43.43
N ALA A 753 32.69 -29.71 -42.41
CA ALA A 753 32.03 -30.41 -41.31
C ALA A 753 30.54 -30.16 -41.37
N LEU A 754 29.84 -30.95 -42.19
CA LEU A 754 28.40 -31.07 -42.14
C LEU A 754 27.90 -32.51 -42.25
N VAL A 755 28.74 -33.43 -42.74
CA VAL A 755 28.30 -34.60 -43.50
C VAL A 755 27.11 -35.27 -42.85
N GLU A 756 26.11 -35.58 -43.68
CA GLU A 756 24.75 -35.94 -43.27
C GLU A 756 24.73 -36.93 -42.11
N GLY A 757 23.87 -36.65 -41.14
CA GLY A 757 23.64 -37.53 -40.01
C GLY A 757 22.16 -37.69 -39.72
N ASP A 758 21.83 -37.68 -38.44
CA ASP A 758 20.47 -37.90 -37.96
C ASP A 758 20.38 -37.56 -36.47
#